data_6TO2
#
_entry.id   6TO2
#
_cell.length_a   103.411
_cell.length_b   103.411
_cell.length_c   218.210
_cell.angle_alpha   90.000
_cell.angle_beta   90.000
_cell.angle_gamma   120.000
#
_symmetry.space_group_name_H-M   'H 3'
#
loop_
_entity.id
_entity.type
_entity.pdbx_description
1 polymer 'Cytochrome P450 monooxygenase'
2 non-polymer 'PROTOPORPHYRIN IX CONTAINING FE'
3 non-polymer (5~{S},8~{S},9~{S},10~{S},13~{S},14~{S})-10,13-dimethyl-1,2,4,5,6,7,8,9,11,12,14,15,16,17-tetradecahydrocyclopenta[a]phenanthren-3-one
4 non-polymer 'CHLORIDE ION'
5 water water
#
_entity_poly.entity_id   1
_entity_poly.type   'polypeptide(L)'
_entity_poly.pdbx_seq_one_letter_code
;MNACPHSDTLTIDPMITDLAGETSRLRAAGPLTRIDLLGVPALAVTGHTLARQLLTDTRLVKDINAWSLWQSGTVTRQWP
LIGMIDVDRSMFTVDGPEHRRLRIKTTQALTRRRLDALKPTIERYVAELLDDLERAGADGAVVDLKSVFAYPLPMRVISA
LMGVPSEDQEQLLTWYKAFFSILTPQDERLRVIDEMHGYFTEMVRRKTAEPGDDLTSALIYATDGETPLTEEEVIGNLQA
LVAAGHETTVSLILTAVRALLSHPEQLRLVRDGEIGWETAIEETLRWDGPVIHLLMRFATEDIDLGDAVIPRGEGVVMSY
RAIGRDITVHGADADDFDITRATAARHISFGHGPHICPGAALARLEAAIALPALFTRFPHLHPALPLDQIPNLPVLTQND
LSHFPIHLG
;
_entity_poly.pdbx_strand_id   A,B
#
# COMPACT_ATOMS: atom_id res chain seq x y z
N CYS A 4 -3.95 -6.00 2.66
CA CYS A 4 -3.51 -4.73 2.10
C CYS A 4 -4.58 -3.67 2.23
N PRO A 5 -4.20 -2.49 2.70
CA PRO A 5 -5.20 -1.44 2.92
C PRO A 5 -5.63 -0.76 1.61
N HIS A 6 -6.76 -0.06 1.70
CA HIS A 6 -7.31 0.64 0.55
C HIS A 6 -6.54 1.94 0.31
N SER A 7 -6.41 2.30 -0.97
CA SER A 7 -5.69 3.51 -1.37
C SER A 7 -6.22 3.99 -2.71
N ASP A 8 -6.21 5.31 -2.88
CA ASP A 8 -6.67 5.94 -4.11
C ASP A 8 -5.55 6.11 -5.14
N THR A 9 -4.34 5.69 -4.82
CA THR A 9 -3.23 5.65 -5.78
C THR A 9 -2.70 4.23 -5.82
N LEU A 10 -2.64 3.66 -7.01
CA LEU A 10 -2.25 2.26 -7.21
C LEU A 10 -0.76 2.20 -7.47
N THR A 11 0.00 1.78 -6.46
CA THR A 11 1.44 1.65 -6.60
C THR A 11 1.79 0.44 -7.46
N ILE A 12 2.59 0.66 -8.51
CA ILE A 12 3.05 -0.43 -9.37
C ILE A 12 4.27 -1.06 -8.70
N ASP A 13 4.14 -2.34 -8.34
CA ASP A 13 5.22 -3.04 -7.67
C ASP A 13 6.40 -3.19 -8.64
N PRO A 14 7.57 -2.64 -8.32
CA PRO A 14 8.72 -2.82 -9.24
C PRO A 14 9.30 -4.25 -9.29
N MET A 15 8.91 -5.12 -8.34
CA MET A 15 9.38 -6.50 -8.31
C MET A 15 8.44 -7.46 -9.05
N ILE A 16 7.24 -7.00 -9.41
CA ILE A 16 6.33 -7.81 -10.20
C ILE A 16 6.01 -9.08 -9.44
N THR A 17 5.62 -8.94 -8.16
CA THR A 17 5.30 -10.09 -7.33
C THR A 17 3.87 -10.55 -7.50
N ASP A 18 2.97 -9.68 -7.98
CA ASP A 18 1.55 -10.05 -8.18
C ASP A 18 1.03 -9.28 -9.41
N LEU A 19 1.45 -9.74 -10.59
CA LEU A 19 1.07 -9.05 -11.81
C LEU A 19 -0.42 -9.25 -12.10
N ALA A 20 -0.92 -10.47 -11.87
CA ALA A 20 -2.33 -10.74 -12.10
C ALA A 20 -3.22 -9.86 -11.24
N GLY A 21 -2.90 -9.78 -9.93
CA GLY A 21 -3.67 -8.94 -9.04
C GLY A 21 -3.61 -7.48 -9.42
N GLU A 22 -2.41 -7.00 -9.78
CA GLU A 22 -2.26 -5.60 -10.16
C GLU A 22 -3.10 -5.29 -11.40
N THR A 23 -2.99 -6.12 -12.43
CA THR A 23 -3.72 -5.88 -13.67
C THR A 23 -5.21 -5.87 -13.40
N SER A 24 -5.69 -6.76 -12.51
CA SER A 24 -7.11 -6.77 -12.15
C SER A 24 -7.51 -5.50 -11.41
N ARG A 25 -6.67 -5.03 -10.47
CA ARG A 25 -6.99 -3.82 -9.74
C ARG A 25 -7.02 -2.60 -10.66
N LEU A 26 -6.08 -2.54 -11.61
CA LEU A 26 -6.08 -1.46 -12.58
C LEU A 26 -7.37 -1.43 -13.38
N ARG A 27 -7.79 -2.60 -13.89
CA ARG A 27 -9.03 -2.65 -14.65
C ARG A 27 -10.22 -2.21 -13.79
N ALA A 28 -10.30 -2.69 -12.56
CA ALA A 28 -11.43 -2.35 -11.70
C ALA A 28 -11.49 -0.86 -11.38
N ALA A 29 -10.36 -0.26 -11.07
CA ALA A 29 -10.29 1.17 -10.80
C ALA A 29 -10.35 2.05 -12.06
N GLY A 30 -10.37 1.46 -13.26
CA GLY A 30 -10.28 2.22 -14.48
C GLY A 30 -11.60 2.84 -14.88
N PRO A 31 -11.72 3.30 -16.13
CA PRO A 31 -10.69 3.23 -17.19
C PRO A 31 -9.59 4.28 -17.11
N LEU A 32 -9.61 5.13 -16.08
CA LEU A 32 -8.55 6.09 -15.83
C LEU A 32 -8.28 6.14 -14.34
N THR A 33 -7.05 5.79 -13.95
CA THR A 33 -6.71 5.59 -12.56
C THR A 33 -5.44 6.35 -12.20
N ARG A 34 -5.30 6.64 -10.91
CA ARG A 34 -4.08 7.24 -10.39
C ARG A 34 -3.10 6.12 -10.06
N ILE A 35 -1.86 6.23 -10.54
CA ILE A 35 -0.83 5.25 -10.21
C ILE A 35 0.41 5.99 -9.69
N ASP A 36 1.34 5.21 -9.14
CA ASP A 36 2.59 5.72 -8.60
C ASP A 36 3.73 4.86 -9.14
N LEU A 37 4.67 5.50 -9.86
CA LEU A 37 5.81 4.83 -10.46
C LEU A 37 7.07 5.22 -9.68
N LEU A 38 7.48 4.35 -8.76
CA LEU A 38 8.68 4.60 -7.96
C LEU A 38 8.64 6.00 -7.34
N GLY A 39 7.52 6.33 -6.68
CA GLY A 39 7.36 7.62 -6.02
C GLY A 39 6.99 8.79 -6.91
N VAL A 40 6.59 8.56 -8.16
CA VAL A 40 6.23 9.61 -9.09
C VAL A 40 4.81 9.36 -9.53
N PRO A 41 3.91 10.36 -9.43
CA PRO A 41 2.51 10.15 -9.77
C PRO A 41 2.25 10.32 -11.27
N ALA A 42 1.25 9.59 -11.74
CA ALA A 42 0.77 9.71 -13.11
C ALA A 42 -0.62 9.11 -13.19
N LEU A 43 -1.26 9.28 -14.34
CA LEU A 43 -2.52 8.62 -14.63
C LEU A 43 -2.29 7.42 -15.54
N ALA A 44 -3.13 6.40 -15.37
CA ALA A 44 -3.08 5.18 -16.15
C ALA A 44 -4.39 4.99 -16.89
N VAL A 45 -4.31 4.87 -18.22
CA VAL A 45 -5.46 4.54 -19.04
C VAL A 45 -5.56 3.02 -19.15
N THR A 46 -6.63 2.46 -18.59
CA THR A 46 -6.80 1.02 -18.50
C THR A 46 -8.03 0.51 -19.25
N GLY A 47 -8.72 1.38 -19.96
CA GLY A 47 -9.89 1.00 -20.74
C GLY A 47 -9.59 1.02 -22.23
N HIS A 48 -10.19 0.06 -22.95
CA HIS A 48 -9.93 -0.06 -24.38
C HIS A 48 -10.45 1.15 -25.15
N THR A 49 -11.72 1.52 -24.92
CA THR A 49 -12.32 2.61 -25.68
C THR A 49 -11.64 3.94 -25.38
N LEU A 50 -11.39 4.20 -24.11
CA LEU A 50 -10.77 5.48 -23.76
C LEU A 50 -9.34 5.55 -24.27
N ALA A 51 -8.62 4.42 -24.27
CA ALA A 51 -7.27 4.40 -24.84
C ALA A 51 -7.28 4.77 -26.33
N ARG A 52 -8.21 4.17 -27.09
CA ARG A 52 -8.30 4.49 -28.51
C ARG A 52 -8.55 5.97 -28.72
N GLN A 53 -9.40 6.59 -27.88
CA GLN A 53 -9.69 8.01 -28.05
C GLN A 53 -8.47 8.87 -27.72
N LEU A 54 -7.79 8.57 -26.61
CA LEU A 54 -6.66 9.40 -26.18
C LEU A 54 -5.40 9.19 -27.03
N LEU A 55 -5.26 8.02 -27.65
CA LEU A 55 -4.11 7.78 -28.51
C LEU A 55 -4.22 8.55 -29.83
N THR A 56 -5.40 9.10 -30.15
CA THR A 56 -5.55 10.01 -31.29
C THR A 56 -5.76 11.46 -30.86
N ASP A 57 -5.72 11.75 -29.56
CA ASP A 57 -5.93 13.11 -29.07
C ASP A 57 -4.64 13.91 -29.19
N THR A 58 -4.67 14.99 -29.96
CA THR A 58 -3.48 15.76 -30.24
C THR A 58 -3.02 16.57 -29.03
N ARG A 59 -3.79 16.60 -27.96
CA ARG A 59 -3.43 17.35 -26.76
C ARG A 59 -2.55 16.57 -25.79
N LEU A 60 -2.25 15.30 -26.11
CA LEU A 60 -1.32 14.48 -25.35
C LEU A 60 -0.07 14.25 -26.20
N VAL A 61 1.07 14.69 -25.71
CA VAL A 61 2.32 14.66 -26.47
C VAL A 61 3.32 13.79 -25.72
N LYS A 62 4.32 13.33 -26.47
CA LYS A 62 5.41 12.55 -25.89
C LYS A 62 6.50 13.44 -25.30
N ASP A 63 6.62 14.68 -25.78
CA ASP A 63 7.73 15.55 -25.38
C ASP A 63 7.76 15.77 -23.87
N ILE A 64 8.90 15.42 -23.26
CA ILE A 64 9.02 15.48 -21.82
C ILE A 64 8.98 16.90 -21.29
N ASN A 65 9.34 17.89 -22.12
CA ASN A 65 9.31 19.27 -21.67
C ASN A 65 7.89 19.75 -21.37
N ALA A 66 6.86 18.98 -21.73
CA ALA A 66 5.48 19.28 -21.40
C ALA A 66 5.05 18.67 -20.08
N TRP A 67 5.96 18.03 -19.36
CA TRP A 67 5.65 17.37 -18.10
C TRP A 67 5.83 18.37 -16.97
N SER A 68 4.75 18.63 -16.22
CA SER A 68 4.83 19.56 -15.09
C SER A 68 5.98 19.19 -14.15
N LEU A 69 6.16 17.90 -13.90
CA LEU A 69 7.19 17.48 -12.95
C LEU A 69 8.59 17.56 -13.52
N TRP A 70 8.73 17.54 -14.84
CA TRP A 70 10.04 17.77 -15.45
C TRP A 70 10.36 19.26 -15.45
N GLN A 71 9.38 20.12 -15.76
CA GLN A 71 9.58 21.56 -15.69
C GLN A 71 10.02 21.99 -14.30
N SER A 72 9.31 21.54 -13.26
CA SER A 72 9.59 21.94 -11.89
C SER A 72 10.86 21.29 -11.34
N GLY A 73 11.45 20.35 -12.05
CA GLY A 73 12.66 19.70 -11.57
C GLY A 73 12.47 18.71 -10.44
N THR A 74 11.24 18.25 -10.22
CA THR A 74 11.02 17.27 -9.16
C THR A 74 11.34 15.85 -9.64
N VAL A 75 11.21 15.60 -10.94
CA VAL A 75 11.69 14.36 -11.55
C VAL A 75 12.93 14.72 -12.35
N THR A 76 14.03 14.01 -12.08
CA THR A 76 15.30 14.25 -12.78
C THR A 76 15.82 12.96 -13.39
N ARG A 77 17.08 12.99 -13.83
CA ARG A 77 17.72 11.79 -14.38
C ARG A 77 17.98 10.74 -13.31
N GLN A 78 17.80 11.05 -12.03
CA GLN A 78 17.96 10.06 -10.97
C GLN A 78 16.76 9.13 -10.85
N TRP A 79 15.63 9.46 -11.46
CA TRP A 79 14.45 8.59 -11.45
C TRP A 79 14.76 7.32 -12.23
N PRO A 80 14.63 6.13 -11.65
CA PRO A 80 15.14 4.92 -12.33
C PRO A 80 14.47 4.62 -13.66
N LEU A 81 13.30 5.21 -13.93
CA LEU A 81 12.60 4.95 -15.19
C LEU A 81 12.80 6.04 -16.24
N ILE A 82 13.67 7.01 -15.99
CA ILE A 82 13.80 8.15 -16.89
C ILE A 82 14.35 7.73 -18.26
N GLY A 83 15.11 6.65 -18.32
CA GLY A 83 15.62 6.20 -19.62
C GLY A 83 14.54 5.76 -20.61
N MET A 84 13.31 5.54 -20.14
CA MET A 84 12.19 5.21 -20.99
C MET A 84 11.49 6.43 -21.60
N ILE A 85 11.81 7.65 -21.14
CA ILE A 85 11.09 8.87 -21.49
C ILE A 85 12.04 9.94 -22.05
N ASP A 86 13.10 10.26 -21.32
CA ASP A 86 14.03 11.33 -21.71
C ASP A 86 15.08 10.74 -22.65
N VAL A 87 14.69 10.62 -23.92
CA VAL A 87 15.51 9.98 -24.93
C VAL A 87 15.76 10.99 -26.08
N ASP A 88 16.71 10.62 -26.94
CA ASP A 88 17.07 11.46 -28.07
C ASP A 88 15.91 11.61 -29.05
N ARG A 89 16.01 12.63 -29.91
CA ARG A 89 14.94 12.91 -30.85
C ARG A 89 14.76 11.77 -31.84
N SER A 90 13.53 11.31 -32.00
CA SER A 90 13.20 10.20 -32.89
C SER A 90 11.70 10.19 -33.10
N MET A 91 11.22 9.20 -33.87
CA MET A 91 9.78 9.03 -34.03
C MET A 91 9.06 8.84 -32.69
N PHE A 92 9.78 8.43 -31.65
CA PHE A 92 9.19 8.12 -30.35
C PHE A 92 8.82 9.37 -29.58
N THR A 93 9.53 10.48 -29.83
CA THR A 93 9.41 11.68 -29.01
C THR A 93 8.73 12.84 -29.72
N VAL A 94 8.30 12.68 -30.96
CA VAL A 94 7.79 13.75 -31.80
C VAL A 94 6.31 13.52 -32.07
N ASP A 95 5.61 14.63 -32.25
CA ASP A 95 4.19 14.61 -32.58
C ASP A 95 3.93 15.61 -33.70
N GLY A 96 2.86 15.36 -34.45
CA GLY A 96 2.44 16.27 -35.50
C GLY A 96 3.15 16.05 -36.83
N PRO A 97 3.18 17.09 -37.67
CA PRO A 97 3.82 16.92 -38.99
C PRO A 97 5.25 16.43 -38.91
N GLU A 98 5.99 16.84 -37.88
CA GLU A 98 7.37 16.38 -37.75
C GLU A 98 7.44 14.87 -37.60
N HIS A 99 6.39 14.27 -37.04
CA HIS A 99 6.42 12.84 -36.73
C HIS A 99 6.47 11.98 -37.99
N ARG A 100 5.64 12.31 -38.97
CA ARG A 100 5.56 11.45 -40.16
C ARG A 100 6.88 11.41 -40.90
N ARG A 101 7.60 12.54 -40.92
CA ARG A 101 8.90 12.56 -41.60
C ARG A 101 9.85 11.54 -40.97
N LEU A 102 9.80 11.42 -39.65
CA LEU A 102 10.68 10.49 -38.95
C LEU A 102 10.19 9.05 -38.96
N ARG A 103 9.00 8.77 -39.48
CA ARG A 103 8.48 7.40 -39.55
C ARG A 103 8.47 6.77 -40.93
N ILE A 104 8.50 7.56 -42.01
CA ILE A 104 8.08 7.06 -43.32
C ILE A 104 9.04 5.98 -43.81
N LYS A 105 10.34 6.25 -43.79
CA LYS A 105 11.28 5.26 -44.32
C LYS A 105 11.21 3.96 -43.53
N THR A 106 10.92 4.03 -42.23
CA THR A 106 10.80 2.82 -41.43
C THR A 106 9.56 2.02 -41.81
N THR A 107 8.41 2.69 -41.87
CA THR A 107 7.18 2.00 -42.26
C THR A 107 7.32 1.38 -43.65
N GLN A 108 7.96 2.11 -44.58
CA GLN A 108 8.16 1.55 -45.92
C GLN A 108 9.02 0.30 -45.86
N ALA A 109 10.08 0.34 -45.06
CA ALA A 109 10.97 -0.81 -44.97
C ALA A 109 10.33 -2.01 -44.29
N LEU A 110 9.32 -1.78 -43.43
CA LEU A 110 8.71 -2.82 -42.62
C LEU A 110 7.36 -3.27 -43.16
N THR A 111 7.02 -2.95 -44.40
CA THR A 111 5.82 -3.49 -45.00
C THR A 111 5.99 -5.00 -45.20
N ARG A 112 4.87 -5.72 -45.20
CA ARG A 112 4.93 -7.17 -45.27
C ARG A 112 5.65 -7.65 -46.52
N ARG A 113 5.37 -7.04 -47.67
CA ARG A 113 6.01 -7.48 -48.90
C ARG A 113 7.49 -7.11 -48.91
N ARG A 114 7.86 -5.99 -48.29
CA ARG A 114 9.28 -5.67 -48.16
C ARG A 114 9.99 -6.64 -47.23
N LEU A 115 9.25 -7.24 -46.30
CA LEU A 115 9.84 -8.16 -45.35
C LEU A 115 10.04 -9.55 -45.91
N ASP A 116 9.43 -9.87 -47.07
CA ASP A 116 9.64 -11.18 -47.68
C ASP A 116 11.09 -11.37 -48.12
N ALA A 117 11.84 -10.28 -48.30
CA ALA A 117 13.26 -10.39 -48.59
C ALA A 117 14.08 -10.75 -47.36
N LEU A 118 13.55 -10.44 -46.17
CA LEU A 118 14.19 -10.80 -44.91
C LEU A 118 13.77 -12.18 -44.41
N LYS A 119 12.74 -12.76 -45.02
CA LYS A 119 12.22 -14.03 -44.52
C LYS A 119 13.23 -15.17 -44.59
N PRO A 120 14.06 -15.30 -45.65
CA PRO A 120 15.09 -16.36 -45.63
C PRO A 120 16.04 -16.24 -44.45
N THR A 121 16.38 -15.01 -44.06
CA THR A 121 17.27 -14.80 -42.91
C THR A 121 16.63 -15.26 -41.62
N ILE A 122 15.38 -14.85 -41.38
CA ILE A 122 14.65 -15.35 -40.21
C ILE A 122 14.65 -16.87 -40.19
N GLU A 123 14.34 -17.51 -41.32
CA GLU A 123 14.28 -18.96 -41.36
C GLU A 123 15.62 -19.59 -41.00
N ARG A 124 16.72 -18.96 -41.43
CA ARG A 124 18.05 -19.48 -41.13
C ARG A 124 18.38 -19.38 -39.64
N TYR A 125 18.07 -18.25 -39.02
CA TYR A 125 18.35 -18.07 -37.61
C TYR A 125 17.49 -19.00 -36.75
N VAL A 126 16.21 -19.14 -37.09
CA VAL A 126 15.36 -20.09 -36.38
C VAL A 126 15.94 -21.50 -36.48
N ALA A 127 16.38 -21.90 -37.67
CA ALA A 127 16.95 -23.24 -37.84
C ALA A 127 18.22 -23.39 -37.03
N GLU A 128 19.10 -22.38 -37.07
CA GLU A 128 20.35 -22.40 -36.32
C GLU A 128 20.11 -22.55 -34.82
N LEU A 129 19.17 -21.80 -34.26
CA LEU A 129 18.91 -21.84 -32.82
C LEU A 129 18.12 -23.06 -32.37
N LEU A 130 17.37 -23.70 -33.27
CA LEU A 130 16.79 -25.00 -32.94
C LEU A 130 17.85 -26.09 -32.88
N ASP A 131 18.88 -25.98 -33.73
CA ASP A 131 20.03 -26.88 -33.62
C ASP A 131 20.70 -26.72 -32.26
N ASP A 132 20.91 -25.47 -31.82
CA ASP A 132 21.40 -25.22 -30.47
C ASP A 132 20.51 -25.92 -29.43
N LEU A 133 19.19 -25.79 -29.58
CA LEU A 133 18.28 -26.43 -28.63
C LEU A 133 18.49 -27.93 -28.62
N GLU A 134 18.65 -28.55 -29.80
CA GLU A 134 18.81 -29.99 -29.88
C GLU A 134 20.08 -30.45 -29.18
N ARG A 135 21.19 -29.72 -29.39
CA ARG A 135 22.42 -30.06 -28.71
C ARG A 135 22.31 -29.83 -27.21
N ALA A 136 21.66 -28.73 -26.81
CA ALA A 136 21.58 -28.40 -25.38
C ALA A 136 20.74 -29.42 -24.63
N GLY A 137 19.71 -29.97 -25.27
CA GLY A 137 18.77 -30.86 -24.65
C GLY A 137 19.06 -32.32 -24.83
N ALA A 138 20.25 -32.69 -25.30
CA ALA A 138 20.59 -34.10 -25.45
C ALA A 138 20.51 -34.81 -24.10
N ASP A 139 20.33 -36.12 -24.16
CA ASP A 139 20.27 -36.98 -22.97
C ASP A 139 19.23 -36.50 -21.98
N GLY A 140 18.15 -35.89 -22.48
CA GLY A 140 17.04 -35.49 -21.65
C GLY A 140 17.35 -34.40 -20.64
N ALA A 141 18.36 -33.57 -20.91
CA ALA A 141 18.77 -32.56 -19.95
C ALA A 141 17.82 -31.36 -20.02
N VAL A 142 17.71 -30.65 -18.89
CA VAL A 142 16.86 -29.47 -18.82
C VAL A 142 17.52 -28.36 -19.60
N VAL A 143 16.73 -27.63 -20.39
CA VAL A 143 17.21 -26.58 -21.28
C VAL A 143 16.44 -25.30 -20.99
N ASP A 144 17.14 -24.17 -21.00
CA ASP A 144 16.53 -22.84 -20.84
C ASP A 144 16.09 -22.35 -22.23
N LEU A 145 14.80 -22.46 -22.52
CA LEU A 145 14.32 -22.02 -23.82
C LEU A 145 14.66 -20.55 -24.12
N LYS A 146 14.65 -19.69 -23.09
CA LYS A 146 14.94 -18.28 -23.32
C LYS A 146 16.38 -18.07 -23.78
N SER A 147 17.35 -18.49 -22.97
CA SER A 147 18.75 -18.25 -23.27
C SER A 147 19.16 -18.89 -24.60
N VAL A 148 18.68 -20.11 -24.87
CA VAL A 148 19.18 -20.84 -26.03
C VAL A 148 18.47 -20.45 -27.32
N PHE A 149 17.20 -20.05 -27.24
CA PHE A 149 16.40 -19.82 -28.43
C PHE A 149 15.72 -18.45 -28.48
N ALA A 150 14.83 -18.17 -27.53
CA ALA A 150 13.95 -17.02 -27.66
C ALA A 150 14.71 -15.71 -27.45
N TYR A 151 15.73 -15.70 -26.57
CA TYR A 151 16.44 -14.45 -26.27
C TYR A 151 17.33 -14.02 -27.43
N PRO A 152 18.13 -14.89 -28.06
CA PRO A 152 18.98 -14.40 -29.15
C PRO A 152 18.25 -14.14 -30.45
N LEU A 153 17.18 -14.88 -30.74
CA LEU A 153 16.61 -14.80 -32.08
C LEU A 153 16.21 -13.38 -32.50
N PRO A 154 15.47 -12.62 -31.68
CA PRO A 154 15.02 -11.30 -32.17
C PRO A 154 16.16 -10.31 -32.33
N MET A 155 17.20 -10.41 -31.50
CA MET A 155 18.36 -9.55 -31.66
C MET A 155 19.08 -9.88 -32.96
N ARG A 156 19.17 -11.15 -33.33
CA ARG A 156 19.73 -11.51 -34.63
C ARG A 156 18.93 -10.89 -35.77
N VAL A 157 17.61 -11.02 -35.74
CA VAL A 157 16.78 -10.51 -36.84
C VAL A 157 16.91 -9.00 -36.96
N ILE A 158 16.70 -8.27 -35.86
CA ILE A 158 16.72 -6.81 -35.91
C ILE A 158 18.12 -6.31 -36.24
N SER A 159 19.15 -7.02 -35.76
CA SER A 159 20.53 -6.68 -36.14
C SER A 159 20.76 -6.85 -37.64
N ALA A 160 20.21 -7.92 -38.22
CA ALA A 160 20.34 -8.10 -39.66
C ALA A 160 19.66 -6.98 -40.43
N LEU A 161 18.50 -6.55 -39.97
CA LEU A 161 17.76 -5.49 -40.65
C LEU A 161 18.48 -4.15 -40.56
N MET A 162 18.99 -3.82 -39.37
CA MET A 162 19.57 -2.51 -39.13
C MET A 162 21.03 -2.45 -39.49
N GLY A 163 21.72 -3.59 -39.51
CA GLY A 163 23.12 -3.63 -39.85
C GLY A 163 24.05 -3.73 -38.67
N VAL A 164 23.62 -4.29 -37.56
CA VAL A 164 24.49 -4.45 -36.39
C VAL A 164 25.40 -5.65 -36.63
N PRO A 165 26.73 -5.49 -36.50
CA PRO A 165 27.62 -6.62 -36.77
C PRO A 165 27.31 -7.81 -35.87
N SER A 166 27.55 -9.00 -36.40
CA SER A 166 27.31 -10.22 -35.64
C SER A 166 28.11 -10.24 -34.33
N GLU A 167 29.27 -9.58 -34.32
CA GLU A 167 30.20 -9.67 -33.21
C GLU A 167 29.90 -8.73 -32.07
N ASP A 168 28.93 -7.82 -32.23
CA ASP A 168 28.59 -6.85 -31.20
C ASP A 168 27.28 -7.15 -30.49
N GLN A 169 26.57 -8.21 -30.87
CA GLN A 169 25.21 -8.42 -30.37
C GLN A 169 25.19 -8.84 -28.90
N GLU A 170 26.15 -9.66 -28.48
CA GLU A 170 26.17 -10.05 -27.07
C GLU A 170 26.34 -8.84 -26.15
N GLN A 171 27.19 -7.88 -26.55
CA GLN A 171 27.36 -6.68 -25.73
C GLN A 171 26.08 -5.86 -25.68
N LEU A 172 25.41 -5.67 -26.82
CA LEU A 172 24.13 -4.98 -26.80
C LEU A 172 23.16 -5.66 -25.84
N LEU A 173 23.03 -6.99 -25.93
CA LEU A 173 22.12 -7.70 -25.03
C LEU A 173 22.49 -7.46 -23.56
N THR A 174 23.78 -7.47 -23.25
CA THR A 174 24.19 -7.21 -21.88
C THR A 174 23.77 -5.82 -21.45
N TRP A 175 23.94 -4.82 -22.33
CA TRP A 175 23.54 -3.46 -22.01
C TRP A 175 22.04 -3.37 -21.77
N TYR A 176 21.23 -3.94 -22.67
CA TYR A 176 19.78 -3.84 -22.51
C TYR A 176 19.32 -4.48 -21.21
N LYS A 177 19.85 -5.65 -20.86
CA LYS A 177 19.45 -6.28 -19.60
C LYS A 177 19.67 -5.30 -18.42
N ALA A 178 20.78 -4.57 -18.44
CA ALA A 178 21.03 -3.59 -17.39
C ALA A 178 20.13 -2.38 -17.51
N PHE A 179 19.85 -1.96 -18.75
CA PHE A 179 18.96 -0.82 -18.97
C PHE A 179 17.58 -1.07 -18.38
N PHE A 180 17.04 -2.29 -18.55
CA PHE A 180 15.65 -2.57 -18.16
C PHE A 180 15.50 -2.98 -16.71
N SER A 181 16.50 -3.64 -16.13
CA SER A 181 16.37 -4.13 -14.76
C SER A 181 16.27 -2.96 -13.76
N ILE A 182 15.32 -3.06 -12.84
CA ILE A 182 15.23 -2.00 -11.83
C ILE A 182 16.30 -2.13 -10.76
N LEU A 183 16.96 -3.29 -10.65
CA LEU A 183 18.04 -3.43 -9.67
C LEU A 183 19.34 -2.72 -10.09
N THR A 184 19.46 -2.33 -11.36
CA THR A 184 20.68 -1.68 -11.81
C THR A 184 20.85 -0.37 -11.05
N PRO A 185 22.01 -0.12 -10.43
CA PRO A 185 22.24 1.19 -9.79
C PRO A 185 22.08 2.30 -10.81
N GLN A 186 21.47 3.41 -10.37
CA GLN A 186 21.10 4.47 -11.30
C GLN A 186 22.32 5.07 -11.98
N ASP A 187 23.42 5.25 -11.24
CA ASP A 187 24.63 5.77 -11.87
C ASP A 187 25.19 4.80 -12.90
N GLU A 188 25.01 3.50 -12.70
CA GLU A 188 25.46 2.55 -13.71
C GLU A 188 24.51 2.53 -14.91
N ARG A 189 23.22 2.70 -14.65
CA ARG A 189 22.25 2.70 -15.75
C ARG A 189 22.49 3.87 -16.70
N LEU A 190 22.71 5.06 -16.13
CA LEU A 190 22.95 6.26 -16.94
C LEU A 190 24.25 6.12 -17.74
N ARG A 191 25.29 5.51 -17.17
CA ARG A 191 26.50 5.22 -17.94
C ARG A 191 26.24 4.20 -19.05
N VAL A 192 25.45 3.16 -18.79
CA VAL A 192 25.10 2.20 -19.84
C VAL A 192 24.36 2.91 -20.97
N ILE A 193 23.41 3.78 -20.63
CA ILE A 193 22.72 4.58 -21.65
C ILE A 193 23.72 5.41 -22.45
N ASP A 194 24.68 6.04 -21.79
CA ASP A 194 25.70 6.82 -22.50
C ASP A 194 26.56 5.91 -23.36
N GLU A 195 26.90 4.72 -22.86
CA GLU A 195 27.71 3.80 -23.65
C GLU A 195 26.95 3.27 -24.86
N MET A 196 25.64 3.06 -24.72
CA MET A 196 24.84 2.62 -25.85
C MET A 196 24.71 3.72 -26.89
N HIS A 197 24.44 4.95 -26.43
CA HIS A 197 24.42 6.09 -27.35
C HIS A 197 25.74 6.19 -28.11
N GLY A 198 26.86 6.02 -27.42
CA GLY A 198 28.15 6.10 -28.09
C GLY A 198 28.32 5.07 -29.17
N TYR A 199 27.91 3.83 -28.89
CA TYR A 199 28.00 2.76 -29.87
C TYR A 199 27.18 3.09 -31.12
N PHE A 200 25.92 3.48 -30.93
CA PHE A 200 25.05 3.73 -32.09
C PHE A 200 25.49 4.95 -32.85
N THR A 201 26.11 5.92 -32.17
CA THR A 201 26.65 7.08 -32.85
C THR A 201 27.75 6.66 -33.81
N GLU A 202 28.68 5.84 -33.34
CA GLU A 202 29.76 5.36 -34.20
C GLU A 202 29.24 4.46 -35.31
N MET A 203 28.16 3.73 -35.04
CA MET A 203 27.57 2.86 -36.06
C MET A 203 27.02 3.69 -37.22
N VAL A 204 26.36 4.81 -36.92
CA VAL A 204 25.84 5.69 -37.96
C VAL A 204 26.99 6.37 -38.70
N ARG A 205 28.07 6.72 -38.00
CA ARG A 205 29.21 7.31 -38.68
C ARG A 205 29.93 6.28 -39.56
N ARG A 206 29.94 5.01 -39.14
CA ARG A 206 30.48 3.96 -39.98
C ARG A 206 29.60 3.69 -41.21
N LYS A 207 28.28 3.63 -41.00
CA LYS A 207 27.34 3.47 -42.12
C LYS A 207 27.29 4.68 -43.03
N THR A 208 27.53 5.89 -42.49
CA THR A 208 27.60 7.08 -43.33
C THR A 208 28.78 7.00 -44.31
N ALA A 209 29.93 6.48 -43.85
CA ALA A 209 31.10 6.39 -44.70
C ALA A 209 31.06 5.17 -45.63
N GLU A 210 30.43 4.09 -45.18
CA GLU A 210 30.38 2.85 -45.96
C GLU A 210 28.97 2.27 -45.82
N PRO A 211 28.01 2.83 -46.56
CA PRO A 211 26.63 2.34 -46.45
C PRO A 211 26.48 0.91 -46.96
N GLY A 212 25.43 0.26 -46.50
CA GLY A 212 25.17 -1.13 -46.84
C GLY A 212 23.69 -1.44 -47.07
N ASP A 213 23.40 -2.73 -47.26
CA ASP A 213 22.03 -3.17 -47.54
C ASP A 213 21.28 -3.36 -46.22
N ASP A 214 20.93 -2.23 -45.61
CA ASP A 214 20.25 -2.24 -44.32
C ASP A 214 19.44 -0.94 -44.14
N LEU A 215 18.59 -0.96 -43.11
CA LEU A 215 17.70 0.17 -42.90
C LEU A 215 18.45 1.39 -42.37
N THR A 216 19.50 1.19 -41.58
CA THR A 216 20.24 2.31 -41.05
C THR A 216 20.84 3.14 -42.18
N SER A 217 21.38 2.49 -43.21
CA SER A 217 21.86 3.23 -44.38
C SER A 217 20.71 3.94 -45.10
N ALA A 218 19.54 3.30 -45.17
CA ALA A 218 18.39 3.93 -45.81
C ALA A 218 17.93 5.19 -45.08
N LEU A 219 17.99 5.19 -43.74
CA LEU A 219 17.68 6.38 -42.98
C LEU A 219 18.71 7.49 -43.22
N ILE A 220 19.99 7.12 -43.30
CA ILE A 220 21.05 8.09 -43.57
C ILE A 220 20.84 8.71 -44.94
N TYR A 221 20.81 7.88 -45.97
CA TYR A 221 20.59 8.36 -47.33
C TYR A 221 19.13 8.11 -47.72
N ALA A 222 18.87 7.77 -48.97
CA ALA A 222 17.51 7.57 -49.44
C ALA A 222 16.63 8.75 -49.00
N THR A 223 16.77 9.89 -49.69
CA THR A 223 16.15 11.12 -49.22
C THR A 223 14.68 11.21 -49.60
N ASP A 224 14.32 10.70 -50.78
CA ASP A 224 12.99 10.82 -51.36
C ASP A 224 12.62 12.26 -51.69
N GLY A 225 13.55 13.20 -51.53
CA GLY A 225 13.31 14.60 -51.86
C GLY A 225 12.98 15.49 -50.68
N GLU A 226 12.75 14.92 -49.51
CA GLU A 226 12.47 15.69 -48.32
C GLU A 226 13.75 15.99 -47.55
N THR A 227 13.64 16.83 -46.52
CA THR A 227 14.80 17.22 -45.75
C THR A 227 15.46 15.98 -45.13
N PRO A 228 16.75 15.79 -45.28
CA PRO A 228 17.38 14.60 -44.70
C PRO A 228 17.32 14.60 -43.19
N LEU A 229 17.36 13.42 -42.61
CA LEU A 229 17.34 13.31 -41.16
C LEU A 229 18.64 13.81 -40.56
N THR A 230 18.56 14.44 -39.39
CA THR A 230 19.77 14.86 -38.69
C THR A 230 20.45 13.65 -38.06
N GLU A 231 21.73 13.83 -37.74
CA GLU A 231 22.48 12.75 -37.09
C GLU A 231 21.74 12.27 -35.84
N GLU A 232 21.21 13.19 -35.06
CA GLU A 232 20.48 12.80 -33.84
C GLU A 232 19.23 11.97 -34.18
N GLU A 233 18.52 12.38 -35.24
CA GLU A 233 17.29 11.69 -35.62
C GLU A 233 17.57 10.29 -36.11
N VAL A 234 18.60 10.13 -36.95
CA VAL A 234 18.97 8.79 -37.42
C VAL A 234 19.37 7.90 -36.25
N ILE A 235 20.25 8.40 -35.38
CA ILE A 235 20.64 7.65 -34.19
C ILE A 235 19.42 7.36 -33.31
N GLY A 236 18.51 8.32 -33.21
CA GLY A 236 17.34 8.11 -32.35
C GLY A 236 16.45 6.99 -32.85
N ASN A 237 16.16 6.97 -34.16
CA ASN A 237 15.35 5.89 -34.72
C ASN A 237 16.05 4.54 -34.62
N LEU A 238 17.37 4.52 -34.88
CA LEU A 238 18.12 3.27 -34.75
C LEU A 238 18.00 2.70 -33.34
N GLN A 239 18.17 3.55 -32.32
CA GLN A 239 18.06 3.10 -30.94
C GLN A 239 16.67 2.55 -30.64
N ALA A 240 15.62 3.28 -31.04
CA ALA A 240 14.26 2.81 -30.80
C ALA A 240 13.99 1.46 -31.47
N LEU A 241 14.45 1.31 -32.72
CA LEU A 241 14.13 0.11 -33.50
C LEU A 241 14.79 -1.13 -32.91
N VAL A 242 16.07 -1.00 -32.54
CA VAL A 242 16.77 -2.14 -31.94
C VAL A 242 16.18 -2.47 -30.56
N ALA A 243 15.96 -1.44 -29.74
CA ALA A 243 15.46 -1.67 -28.38
C ALA A 243 14.07 -2.29 -28.43
N ALA A 244 13.21 -1.71 -29.27
CA ALA A 244 11.86 -2.23 -29.40
C ALA A 244 11.86 -3.59 -30.10
N GLY A 245 12.63 -3.70 -31.17
CA GLY A 245 12.61 -4.92 -31.97
C GLY A 245 13.10 -6.14 -31.25
N HIS A 246 13.99 -5.97 -30.29
CA HIS A 246 14.49 -7.07 -29.48
C HIS A 246 13.61 -7.37 -28.27
N GLU A 247 13.36 -6.36 -27.44
CA GLU A 247 12.72 -6.57 -26.14
C GLU A 247 11.35 -7.22 -26.29
N THR A 248 10.49 -6.66 -27.14
CA THR A 248 9.10 -7.10 -27.20
C THR A 248 9.01 -8.52 -27.74
N THR A 249 9.79 -8.84 -28.77
CA THR A 249 9.61 -10.10 -29.46
C THR A 249 10.06 -11.29 -28.63
N VAL A 250 11.08 -11.11 -27.80
CA VAL A 250 11.50 -12.17 -26.88
C VAL A 250 10.34 -12.55 -25.99
N SER A 251 9.61 -11.53 -25.49
CA SER A 251 8.46 -11.77 -24.62
C SER A 251 7.35 -12.48 -25.39
N LEU A 252 7.04 -11.99 -26.59
CA LEU A 252 5.96 -12.60 -27.37
C LEU A 252 6.21 -14.09 -27.61
N ILE A 253 7.44 -14.45 -28.01
CA ILE A 253 7.76 -15.86 -28.25
C ILE A 253 7.56 -16.68 -26.98
N LEU A 254 8.13 -16.24 -25.87
CA LEU A 254 8.06 -17.01 -24.63
C LEU A 254 6.65 -17.13 -24.09
N THR A 255 5.89 -16.01 -24.08
CA THR A 255 4.53 -16.07 -23.55
C THR A 255 3.65 -16.96 -24.42
N ALA A 256 3.85 -16.97 -25.74
CA ALA A 256 3.02 -17.83 -26.59
C ALA A 256 3.30 -19.30 -26.30
N VAL A 257 4.59 -19.67 -26.17
CA VAL A 257 4.94 -21.04 -25.81
C VAL A 257 4.33 -21.41 -24.47
N ARG A 258 4.40 -20.51 -23.49
CA ARG A 258 3.83 -20.81 -22.18
C ARG A 258 2.32 -20.97 -22.27
N ALA A 259 1.65 -20.11 -23.04
CA ALA A 259 0.20 -20.19 -23.16
C ALA A 259 -0.23 -21.49 -23.83
N LEU A 260 0.48 -21.92 -24.87
CA LEU A 260 0.09 -23.12 -25.58
C LEU A 260 0.43 -24.38 -24.79
N LEU A 261 1.58 -24.38 -24.11
CA LEU A 261 1.93 -25.54 -23.29
C LEU A 261 1.01 -25.69 -22.09
N SER A 262 0.43 -24.60 -21.60
CA SER A 262 -0.51 -24.65 -20.49
C SER A 262 -1.93 -24.92 -20.95
N HIS A 263 -2.20 -24.82 -22.25
CA HIS A 263 -3.52 -25.11 -22.84
C HIS A 263 -3.30 -26.13 -23.95
N PRO A 264 -3.03 -27.38 -23.60
CA PRO A 264 -2.69 -28.38 -24.63
C PRO A 264 -3.75 -28.50 -25.72
N GLU A 265 -5.04 -28.44 -25.37
CA GLU A 265 -6.09 -28.59 -26.36
C GLU A 265 -6.00 -27.53 -27.46
N GLN A 266 -5.53 -26.32 -27.11
CA GLN A 266 -5.41 -25.25 -28.10
C GLN A 266 -4.14 -25.36 -28.91
N LEU A 267 -3.05 -25.85 -28.31
CA LEU A 267 -1.88 -26.20 -29.09
C LEU A 267 -2.21 -27.25 -30.15
N ARG A 268 -3.10 -28.19 -29.84
CA ARG A 268 -3.48 -29.18 -30.85
C ARG A 268 -4.21 -28.52 -32.02
N LEU A 269 -5.06 -27.52 -31.74
CA LEU A 269 -5.82 -26.87 -32.79
C LEU A 269 -4.90 -26.21 -33.83
N VAL A 270 -3.81 -25.57 -33.38
CA VAL A 270 -2.93 -24.91 -34.34
C VAL A 270 -2.01 -25.92 -35.04
N ARG A 271 -1.64 -27.01 -34.34
CA ARG A 271 -0.79 -28.01 -34.97
C ARG A 271 -1.56 -28.84 -36.00
N ASP A 272 -2.86 -29.02 -35.80
CA ASP A 272 -3.70 -29.77 -36.74
C ASP A 272 -4.35 -28.87 -37.78
N GLY A 273 -3.99 -27.59 -37.83
CA GLY A 273 -4.43 -26.74 -38.91
C GLY A 273 -5.88 -26.34 -38.89
N GLU A 274 -6.53 -26.41 -37.73
CA GLU A 274 -7.91 -25.94 -37.60
C GLU A 274 -7.98 -24.46 -37.22
N ILE A 275 -7.00 -23.97 -36.46
CA ILE A 275 -6.84 -22.56 -36.16
C ILE A 275 -5.45 -22.17 -36.64
N GLY A 276 -5.34 -20.96 -37.20
CA GLY A 276 -4.05 -20.51 -37.68
C GLY A 276 -3.11 -20.16 -36.54
N TRP A 277 -1.82 -20.40 -36.77
CA TRP A 277 -0.81 -19.97 -35.81
C TRP A 277 -0.89 -18.46 -35.60
N GLU A 278 -1.28 -17.71 -36.62
CA GLU A 278 -1.34 -16.26 -36.50
C GLU A 278 -2.42 -15.86 -35.50
N THR A 279 -3.52 -16.61 -35.47
CA THR A 279 -4.58 -16.32 -34.51
C THR A 279 -4.12 -16.61 -33.09
N ALA A 280 -3.40 -17.72 -32.89
CA ALA A 280 -2.84 -17.99 -31.56
C ALA A 280 -1.89 -16.87 -31.12
N ILE A 281 -1.20 -16.26 -32.08
CA ILE A 281 -0.29 -15.16 -31.76
C ILE A 281 -1.07 -13.90 -31.36
N GLU A 282 -2.15 -13.59 -32.07
CA GLU A 282 -2.95 -12.42 -31.70
C GLU A 282 -3.56 -12.56 -30.30
N GLU A 283 -4.08 -13.76 -29.96
CA GLU A 283 -4.65 -13.95 -28.62
C GLU A 283 -3.55 -13.86 -27.56
N THR A 284 -2.33 -14.26 -27.88
CA THR A 284 -1.22 -14.05 -26.96
C THR A 284 -0.99 -12.55 -26.71
N LEU A 285 -0.98 -11.75 -27.78
CA LEU A 285 -0.74 -10.31 -27.64
C LEU A 285 -1.83 -9.67 -26.79
N ARG A 286 -3.08 -10.13 -26.94
CA ARG A 286 -4.18 -9.57 -26.14
C ARG A 286 -4.06 -9.94 -24.68
N TRP A 287 -3.70 -11.20 -24.40
CA TRP A 287 -3.79 -11.78 -23.06
C TRP A 287 -2.49 -11.68 -22.26
N ASP A 288 -1.35 -11.74 -22.91
CA ASP A 288 -0.07 -11.86 -22.20
C ASP A 288 1.02 -11.22 -23.05
N GLY A 289 0.78 -9.97 -23.48
CA GLY A 289 1.63 -9.29 -24.47
C GLY A 289 2.86 -8.68 -23.86
N PRO A 290 3.71 -8.15 -24.75
CA PRO A 290 5.04 -7.68 -24.28
C PRO A 290 5.01 -6.42 -23.44
N VAL A 291 4.12 -5.49 -23.72
CA VAL A 291 4.08 -4.22 -22.99
C VAL A 291 3.07 -4.29 -21.86
N ILE A 292 3.51 -3.95 -20.65
CA ILE A 292 2.61 -3.81 -19.52
C ILE A 292 2.12 -2.37 -19.39
N HIS A 293 3.07 -1.41 -19.32
CA HIS A 293 2.78 0.00 -19.24
C HIS A 293 3.64 0.75 -20.24
N LEU A 294 3.06 1.75 -20.90
CA LEU A 294 3.77 2.55 -21.88
C LEU A 294 3.90 3.98 -21.38
N LEU A 295 5.13 4.36 -21.02
CA LEU A 295 5.51 5.70 -20.62
C LEU A 295 5.97 6.49 -21.83
N MET A 296 5.45 7.71 -21.99
CA MET A 296 4.46 8.38 -21.12
C MET A 296 3.98 9.59 -21.93
N ARG A 297 2.73 10.01 -21.72
CA ARG A 297 2.17 11.12 -22.48
C ARG A 297 1.79 12.27 -21.55
N PHE A 298 1.82 13.48 -22.08
CA PHE A 298 1.66 14.67 -21.28
C PHE A 298 0.64 15.60 -21.93
N ALA A 299 -0.24 16.17 -21.10
CA ALA A 299 -1.30 17.03 -21.60
C ALA A 299 -0.82 18.46 -21.80
N THR A 300 -0.90 18.95 -23.05
CA THR A 300 -0.53 20.33 -23.32
C THR A 300 -1.55 21.33 -22.78
N GLU A 301 -2.75 20.85 -22.47
CA GLU A 301 -3.81 21.68 -21.90
C GLU A 301 -4.78 20.74 -21.21
N ASP A 302 -5.73 21.33 -20.47
CA ASP A 302 -6.73 20.55 -19.74
C ASP A 302 -7.59 19.77 -20.72
N ILE A 303 -7.72 18.47 -20.46
CA ILE A 303 -8.52 17.58 -21.30
C ILE A 303 -9.72 17.15 -20.51
N ASP A 304 -10.91 17.62 -20.91
CA ASP A 304 -12.15 17.27 -20.24
C ASP A 304 -12.73 15.99 -20.87
N LEU A 305 -13.03 15.01 -20.02
CA LEU A 305 -13.57 13.74 -20.47
C LEU A 305 -15.01 13.54 -19.99
N GLY A 306 -15.72 14.63 -19.74
CA GLY A 306 -17.08 14.55 -19.25
C GLY A 306 -17.15 14.59 -17.73
N ASP A 307 -16.88 13.46 -17.09
CA ASP A 307 -16.86 13.35 -15.64
C ASP A 307 -15.44 13.23 -15.08
N ALA A 308 -14.43 13.64 -15.83
CA ALA A 308 -13.05 13.63 -15.37
C ALA A 308 -12.27 14.62 -16.21
N VAL A 309 -11.16 15.08 -15.64
CA VAL A 309 -10.31 16.08 -16.27
C VAL A 309 -8.84 15.72 -16.09
N ILE A 310 -8.09 15.69 -17.18
CA ILE A 310 -6.65 15.48 -17.14
C ILE A 310 -6.01 16.84 -17.07
N PRO A 311 -5.43 17.25 -15.93
CA PRO A 311 -4.86 18.59 -15.83
C PRO A 311 -3.68 18.77 -16.78
N ARG A 312 -3.53 20.00 -17.28
CA ARG A 312 -2.38 20.36 -18.10
C ARG A 312 -1.09 20.01 -17.37
N GLY A 313 -0.17 19.38 -18.11
CA GLY A 313 1.11 18.97 -17.54
C GLY A 313 1.14 17.60 -16.91
N GLU A 314 0.00 16.90 -16.84
CA GLU A 314 -0.09 15.61 -16.17
C GLU A 314 0.46 14.51 -17.05
N GLY A 315 1.08 13.52 -16.42
CA GLY A 315 1.62 12.38 -17.14
C GLY A 315 0.59 11.27 -17.23
N VAL A 316 0.47 10.68 -18.42
CA VAL A 316 -0.55 9.69 -18.73
C VAL A 316 0.13 8.46 -19.31
N VAL A 317 -0.13 7.30 -18.69
CA VAL A 317 0.45 6.01 -19.09
C VAL A 317 -0.65 5.14 -19.70
N MET A 318 -0.27 4.38 -20.73
CA MET A 318 -1.18 3.44 -21.38
C MET A 318 -0.88 2.04 -20.81
N SER A 319 -1.77 1.54 -19.95
CA SER A 319 -1.61 0.22 -19.33
C SER A 319 -2.14 -0.85 -20.27
N TYR A 320 -1.35 -1.14 -21.30
CA TYR A 320 -1.81 -2.01 -22.39
C TYR A 320 -2.18 -3.42 -21.92
N ARG A 321 -1.55 -3.92 -20.85
CA ARG A 321 -1.91 -5.25 -20.35
C ARG A 321 -3.32 -5.22 -19.79
N ALA A 322 -3.62 -4.27 -18.90
CA ALA A 322 -5.00 -4.11 -18.43
C ALA A 322 -5.98 -3.88 -19.58
N ILE A 323 -5.54 -3.14 -20.61
CA ILE A 323 -6.42 -2.84 -21.75
C ILE A 323 -6.76 -4.12 -22.50
N GLY A 324 -5.80 -5.05 -22.58
CA GLY A 324 -6.05 -6.32 -23.22
C GLY A 324 -7.03 -7.23 -22.48
N ARG A 325 -7.19 -7.01 -21.19
CA ARG A 325 -8.17 -7.72 -20.38
C ARG A 325 -9.49 -6.96 -20.22
N ASP A 326 -9.81 -6.08 -21.17
CA ASP A 326 -11.03 -5.27 -21.09
C ASP A 326 -12.25 -6.18 -21.23
N ILE A 327 -13.07 -6.24 -20.18
CA ILE A 327 -14.22 -7.15 -20.18
C ILE A 327 -15.34 -6.59 -21.05
N THR A 328 -15.43 -5.26 -21.18
CA THR A 328 -16.46 -4.66 -22.02
C THR A 328 -16.27 -5.03 -23.49
N VAL A 329 -15.04 -5.30 -23.90
CA VAL A 329 -14.72 -5.60 -25.30
C VAL A 329 -14.63 -7.10 -25.56
N HIS A 330 -14.08 -7.86 -24.61
CA HIS A 330 -13.78 -9.26 -24.83
C HIS A 330 -14.68 -10.20 -24.06
N GLY A 331 -15.57 -9.68 -23.23
CA GLY A 331 -16.50 -10.50 -22.50
C GLY A 331 -16.00 -10.88 -21.11
N ALA A 332 -16.81 -11.70 -20.44
CA ALA A 332 -16.51 -12.05 -19.05
C ALA A 332 -15.27 -12.94 -18.95
N ASP A 333 -14.96 -13.70 -20.00
CA ASP A 333 -13.79 -14.58 -20.03
C ASP A 333 -12.55 -13.91 -20.57
N ALA A 334 -12.44 -12.59 -20.41
CA ALA A 334 -11.31 -11.83 -20.92
C ALA A 334 -10.01 -12.28 -20.27
N ASP A 335 -10.05 -12.68 -19.00
CA ASP A 335 -8.84 -13.15 -18.32
C ASP A 335 -8.40 -14.55 -18.73
N ASP A 336 -9.09 -15.19 -19.68
CA ASP A 336 -8.76 -16.53 -20.14
C ASP A 336 -8.07 -16.48 -21.49
N PHE A 337 -7.16 -17.43 -21.72
CA PHE A 337 -6.52 -17.61 -23.01
C PHE A 337 -7.41 -18.51 -23.88
N ASP A 338 -7.88 -17.97 -25.01
CA ASP A 338 -8.81 -18.71 -25.86
C ASP A 338 -8.63 -18.22 -27.30
N ILE A 339 -7.83 -18.96 -28.07
CA ILE A 339 -7.51 -18.55 -29.43
C ILE A 339 -8.71 -18.64 -30.37
N THR A 340 -9.82 -19.23 -29.92
CA THR A 340 -11.04 -19.28 -30.72
C THR A 340 -11.98 -18.09 -30.47
N ARG A 341 -11.61 -17.15 -29.62
CA ARG A 341 -12.51 -16.05 -29.30
C ARG A 341 -12.62 -15.09 -30.48
N ALA A 342 -13.82 -14.54 -30.66
CA ALA A 342 -14.08 -13.71 -31.83
C ALA A 342 -13.34 -12.39 -31.80
N THR A 343 -12.90 -11.93 -30.62
CA THR A 343 -12.21 -10.66 -30.48
C THR A 343 -10.70 -10.81 -30.34
N ALA A 344 -10.14 -11.91 -30.86
CA ALA A 344 -8.72 -12.17 -30.65
C ALA A 344 -7.85 -11.12 -31.32
N ALA A 345 -8.26 -10.65 -32.50
CA ALA A 345 -7.44 -9.73 -33.28
C ALA A 345 -7.89 -8.28 -33.14
N ARG A 346 -8.80 -7.98 -32.21
CA ARG A 346 -9.30 -6.64 -32.00
C ARG A 346 -8.54 -5.90 -30.90
N HIS A 347 -7.46 -6.47 -30.40
CA HIS A 347 -6.66 -5.81 -29.38
C HIS A 347 -5.93 -4.59 -29.99
N ILE A 348 -5.34 -3.78 -29.10
CA ILE A 348 -4.51 -2.65 -29.51
C ILE A 348 -3.15 -2.78 -28.82
N SER A 349 -2.64 -4.01 -28.75
CA SER A 349 -1.40 -4.25 -28.05
C SER A 349 -0.20 -3.65 -28.78
N PHE A 350 -0.35 -3.33 -30.06
CA PHE A 350 0.66 -2.59 -30.81
C PHE A 350 0.44 -1.09 -30.77
N GLY A 351 -0.54 -0.63 -30.01
CA GLY A 351 -0.86 0.77 -29.94
C GLY A 351 -1.91 1.20 -30.94
N HIS A 352 -2.09 2.51 -31.00
CA HIS A 352 -3.17 3.07 -31.81
C HIS A 352 -2.85 4.55 -32.07
N GLY A 353 -3.24 5.04 -33.25
CA GLY A 353 -2.94 6.40 -33.62
C GLY A 353 -1.60 6.53 -34.31
N PRO A 354 -1.05 7.76 -34.33
CA PRO A 354 0.19 7.97 -35.09
C PRO A 354 1.35 7.11 -34.62
N HIS A 355 1.52 6.95 -33.30
CA HIS A 355 2.66 6.22 -32.76
C HIS A 355 2.43 4.69 -32.75
N ILE A 356 1.44 4.19 -33.48
CA ILE A 356 1.24 2.75 -33.56
C ILE A 356 2.53 2.05 -34.03
N CYS A 357 2.74 0.87 -33.50
CA CYS A 357 4.00 0.17 -33.73
C CYS A 357 4.29 0.04 -35.23
N PRO A 358 5.46 0.48 -35.70
CA PRO A 358 5.79 0.29 -37.12
C PRO A 358 6.31 -1.09 -37.43
N GLY A 359 6.71 -1.86 -36.41
CA GLY A 359 7.29 -3.16 -36.68
C GLY A 359 6.38 -4.34 -36.39
N ALA A 360 5.06 -4.10 -36.32
CA ALA A 360 4.13 -5.18 -35.96
C ALA A 360 4.15 -6.30 -36.99
N ALA A 361 4.29 -5.96 -38.27
CA ALA A 361 4.35 -7.00 -39.30
C ALA A 361 5.59 -7.89 -39.11
N LEU A 362 6.72 -7.29 -38.75
CA LEU A 362 7.92 -8.08 -38.51
C LEU A 362 7.76 -8.94 -37.27
N ALA A 363 7.21 -8.37 -36.19
CA ALA A 363 6.97 -9.15 -34.97
C ALA A 363 6.07 -10.34 -35.26
N ARG A 364 5.02 -10.15 -36.06
CA ARG A 364 4.12 -11.24 -36.39
C ARG A 364 4.79 -12.26 -37.28
N LEU A 365 5.69 -11.82 -38.17
CA LEU A 365 6.40 -12.76 -39.04
C LEU A 365 7.42 -13.59 -38.27
N GLU A 366 8.15 -12.97 -37.34
CA GLU A 366 9.11 -13.73 -36.55
C GLU A 366 8.42 -14.83 -35.75
N ALA A 367 7.29 -14.50 -35.10
CA ALA A 367 6.57 -15.47 -34.29
C ALA A 367 5.94 -16.55 -35.16
N ALA A 368 5.42 -16.17 -36.32
CA ALA A 368 4.75 -17.13 -37.20
C ALA A 368 5.75 -18.13 -37.79
N ILE A 369 7.02 -17.79 -37.82
CA ILE A 369 8.05 -18.73 -38.26
C ILE A 369 8.59 -19.55 -37.09
N ALA A 370 8.94 -18.88 -35.98
CA ALA A 370 9.60 -19.57 -34.88
C ALA A 370 8.69 -20.58 -34.19
N LEU A 371 7.45 -20.20 -33.90
CA LEU A 371 6.60 -21.05 -33.06
C LEU A 371 6.29 -22.37 -33.75
N PRO A 372 5.73 -22.39 -34.96
CA PRO A 372 5.47 -23.70 -35.60
C PRO A 372 6.74 -24.51 -35.87
N ALA A 373 7.87 -23.84 -36.09
CA ALA A 373 9.12 -24.57 -36.30
C ALA A 373 9.57 -25.23 -35.01
N LEU A 374 9.34 -24.56 -33.86
CA LEU A 374 9.76 -25.14 -32.59
C LEU A 374 8.95 -26.41 -32.28
N PHE A 375 7.62 -26.32 -32.39
CA PHE A 375 6.78 -27.46 -32.05
C PHE A 375 6.79 -28.55 -33.11
N THR A 376 7.10 -28.22 -34.37
CA THR A 376 7.35 -29.24 -35.38
C THR A 376 8.66 -29.99 -35.11
N ARG A 377 9.71 -29.29 -34.71
CA ARG A 377 10.99 -29.95 -34.45
C ARG A 377 10.91 -30.78 -33.16
N PHE A 378 10.27 -30.26 -32.12
CA PHE A 378 10.20 -30.91 -30.82
C PHE A 378 8.74 -31.11 -30.44
N PRO A 379 8.06 -32.08 -31.06
CA PRO A 379 6.60 -32.22 -30.84
C PRO A 379 6.22 -32.60 -29.40
N HIS A 380 7.13 -33.12 -28.60
CA HIS A 380 6.83 -33.48 -27.21
C HIS A 380 7.48 -32.54 -26.21
N LEU A 381 7.95 -31.37 -26.66
CA LEU A 381 8.49 -30.36 -25.74
C LEU A 381 7.48 -30.04 -24.64
N HIS A 382 7.99 -29.93 -23.41
CA HIS A 382 7.15 -29.73 -22.25
C HIS A 382 7.98 -29.09 -21.16
N PRO A 383 7.34 -28.48 -20.16
CA PRO A 383 8.09 -27.76 -19.12
C PRO A 383 8.75 -28.68 -18.13
N ALA A 384 10.00 -28.35 -17.78
CA ALA A 384 10.72 -29.05 -16.73
C ALA A 384 10.46 -28.43 -15.36
N LEU A 385 9.76 -27.30 -15.34
CA LEU A 385 9.35 -26.57 -14.15
C LEU A 385 7.90 -26.19 -14.37
N PRO A 386 7.06 -26.28 -13.32
CA PRO A 386 5.67 -25.79 -13.45
C PRO A 386 5.61 -24.40 -14.06
N LEU A 387 4.88 -24.27 -15.16
CA LEU A 387 4.84 -22.99 -15.86
C LEU A 387 4.42 -21.85 -14.95
N ASP A 388 3.61 -22.15 -13.92
CA ASP A 388 3.14 -21.12 -13.01
C ASP A 388 4.27 -20.49 -12.22
N GLN A 389 5.43 -21.14 -12.15
CA GLN A 389 6.51 -20.71 -11.29
C GLN A 389 7.65 -20.02 -12.03
N ILE A 390 7.49 -19.73 -13.32
CA ILE A 390 8.48 -18.93 -14.05
C ILE A 390 8.24 -17.48 -13.69
N PRO A 391 9.17 -16.80 -13.02
CA PRO A 391 8.91 -15.43 -12.56
C PRO A 391 9.23 -14.40 -13.63
N ASN A 392 8.66 -13.21 -13.44
CA ASN A 392 9.03 -12.06 -14.25
C ASN A 392 10.32 -11.43 -13.73
N LEU A 393 11.18 -10.97 -14.64
CA LEU A 393 12.29 -10.12 -14.24
C LEU A 393 11.74 -8.83 -13.65
N PRO A 394 12.50 -8.15 -12.76
CA PRO A 394 12.02 -6.89 -12.17
C PRO A 394 12.07 -5.74 -13.17
N VAL A 395 11.24 -5.84 -14.21
CA VAL A 395 11.13 -4.79 -15.21
C VAL A 395 9.68 -4.34 -15.19
N LEU A 396 9.43 -3.16 -14.61
CA LEU A 396 8.06 -2.74 -14.33
C LEU A 396 7.21 -2.57 -15.58
N THR A 397 7.81 -2.12 -16.67
CA THR A 397 7.05 -1.72 -17.84
C THR A 397 6.89 -2.81 -18.87
N GLN A 398 7.77 -3.83 -18.86
CA GLN A 398 7.81 -4.88 -19.86
C GLN A 398 7.50 -6.24 -19.24
N ASN A 399 6.90 -7.11 -20.05
CA ASN A 399 6.53 -8.46 -19.62
C ASN A 399 7.72 -9.38 -19.93
N ASP A 400 8.72 -9.31 -19.07
CA ASP A 400 9.98 -10.03 -19.27
C ASP A 400 10.05 -11.23 -18.35
N LEU A 401 10.10 -12.43 -18.93
CA LEU A 401 10.24 -13.66 -18.18
C LEU A 401 11.72 -13.97 -17.92
N SER A 402 11.96 -14.60 -16.78
CA SER A 402 13.33 -14.79 -16.31
C SER A 402 14.02 -15.94 -17.02
N HIS A 403 13.45 -17.14 -16.95
CA HIS A 403 14.06 -18.34 -17.53
C HIS A 403 12.93 -19.34 -17.76
N PHE A 404 13.10 -20.17 -18.76
CA PHE A 404 12.05 -21.05 -19.26
C PHE A 404 12.59 -22.48 -19.35
N PRO A 405 12.66 -23.20 -18.24
CA PRO A 405 13.23 -24.55 -18.26
C PRO A 405 12.30 -25.54 -18.94
N ILE A 406 12.84 -26.26 -19.91
CA ILE A 406 12.08 -27.26 -20.66
C ILE A 406 12.87 -28.54 -20.84
N HIS A 407 12.14 -29.61 -21.18
CA HIS A 407 12.70 -30.84 -21.73
C HIS A 407 12.25 -30.95 -23.19
N LEU A 408 13.11 -31.46 -24.05
CA LEU A 408 12.75 -31.65 -25.45
C LEU A 408 11.71 -32.78 -25.62
N GLY A 409 11.76 -33.80 -24.77
CA GLY A 409 10.80 -34.90 -24.84
C GLY A 409 11.20 -35.99 -25.81
N CYS B 4 0.69 -7.31 -1.55
CA CYS B 4 0.83 -5.99 -0.96
C CYS B 4 2.27 -5.50 -1.04
N PRO B 5 2.50 -4.48 -1.86
CA PRO B 5 3.89 -4.08 -2.13
C PRO B 5 4.58 -3.45 -0.91
N HIS B 6 5.90 -3.35 -1.02
CA HIS B 6 6.71 -2.76 0.03
C HIS B 6 6.59 -1.24 0.01
N SER B 7 6.64 -0.64 1.20
CA SER B 7 6.50 0.80 1.34
C SER B 7 7.30 1.28 2.55
N ASP B 8 7.91 2.45 2.41
CA ASP B 8 8.64 3.07 3.51
C ASP B 8 7.78 3.86 4.48
N THR B 9 6.49 4.01 4.18
CA THR B 9 5.54 4.66 5.05
C THR B 9 4.38 3.70 5.27
N LEU B 10 4.14 3.32 6.53
CA LEU B 10 3.11 2.34 6.86
C LEU B 10 1.78 3.06 7.08
N THR B 11 0.82 2.79 6.20
CA THR B 11 -0.48 3.42 6.31
C THR B 11 -1.33 2.68 7.34
N ILE B 12 -1.82 3.42 8.33
CA ILE B 12 -2.68 2.85 9.35
C ILE B 12 -4.09 2.74 8.76
N ASP B 13 -4.55 1.52 8.54
CA ASP B 13 -5.89 1.31 7.99
C ASP B 13 -6.95 1.81 8.96
N PRO B 14 -7.83 2.74 8.57
CA PRO B 14 -8.84 3.24 9.50
C PRO B 14 -10.01 2.30 9.74
N MET B 15 -10.11 1.19 9.01
CA MET B 15 -11.15 0.18 9.23
C MET B 15 -10.66 -0.97 10.10
N ILE B 16 -9.37 -0.97 10.47
CA ILE B 16 -8.78 -2.00 11.31
C ILE B 16 -9.15 -3.37 10.76
N THR B 17 -8.90 -3.58 9.48
CA THR B 17 -9.16 -4.89 8.88
C THR B 17 -8.11 -5.92 9.27
N ASP B 18 -6.86 -5.50 9.56
CA ASP B 18 -5.78 -6.42 9.90
C ASP B 18 -4.93 -5.76 10.99
N LEU B 19 -5.43 -5.78 12.24
CA LEU B 19 -4.70 -5.15 13.33
C LEU B 19 -3.46 -5.95 13.71
N ALA B 20 -3.57 -7.28 13.68
CA ALA B 20 -2.41 -8.11 14.02
C ALA B 20 -1.26 -7.92 13.03
N GLY B 21 -1.58 -7.86 11.74
CA GLY B 21 -0.54 -7.60 10.77
C GLY B 21 0.08 -6.23 10.94
N GLU B 22 -0.75 -5.21 11.14
CA GLU B 22 -0.21 -3.87 11.30
C GLU B 22 0.72 -3.80 12.50
N THR B 23 0.29 -4.35 13.65
CA THR B 23 1.14 -4.32 14.84
C THR B 23 2.45 -5.07 14.60
N SER B 24 2.40 -6.19 13.86
CA SER B 24 3.63 -6.91 13.57
C SER B 24 4.52 -6.12 12.62
N ARG B 25 3.94 -5.49 11.59
CA ARG B 25 4.72 -4.65 10.69
C ARG B 25 5.39 -3.51 11.45
N LEU B 26 4.62 -2.80 12.29
CA LEU B 26 5.16 -1.68 13.05
C LEU B 26 6.33 -2.13 13.91
N ARG B 27 6.20 -3.26 14.59
CA ARG B 27 7.30 -3.76 15.41
C ARG B 27 8.52 -4.06 14.56
N ALA B 28 8.32 -4.69 13.41
CA ALA B 28 9.46 -5.08 12.57
C ALA B 28 10.18 -3.88 12.00
N ALA B 29 9.46 -2.82 11.67
CA ALA B 29 10.06 -1.60 11.15
C ALA B 29 10.54 -0.64 12.25
N GLY B 30 10.40 -1.02 13.53
CA GLY B 30 10.72 -0.14 14.63
C GLY B 30 12.20 -0.07 14.92
N PRO B 31 12.57 0.54 16.06
CA PRO B 31 11.65 1.12 17.05
C PRO B 31 11.10 2.51 16.70
N LEU B 32 11.49 3.06 15.56
CA LEU B 32 10.96 4.34 15.09
C LEU B 32 10.76 4.23 13.57
N THR B 33 9.53 4.45 13.12
CA THR B 33 9.22 4.31 11.71
C THR B 33 8.18 5.33 11.29
N ARG B 34 8.07 5.52 9.98
CA ARG B 34 7.15 6.52 9.44
C ARG B 34 5.78 5.88 9.22
N ILE B 35 4.73 6.60 9.61
CA ILE B 35 3.36 6.14 9.42
C ILE B 35 2.57 7.23 8.70
N ASP B 36 1.36 6.87 8.29
CA ASP B 36 0.46 7.77 7.58
C ASP B 36 -0.92 7.64 8.22
N LEU B 37 -1.40 8.75 8.81
CA LEU B 37 -2.71 8.82 9.46
C LEU B 37 -3.65 9.61 8.55
N LEU B 38 -4.47 8.90 7.79
CA LEU B 38 -5.42 9.55 6.88
C LEU B 38 -4.73 10.63 6.04
N GLY B 39 -3.58 10.28 5.47
CA GLY B 39 -2.87 11.19 4.59
C GLY B 39 -2.00 12.23 5.26
N VAL B 40 -1.69 12.03 6.53
CA VAL B 40 -0.86 12.96 7.31
C VAL B 40 0.34 12.19 7.80
N PRO B 41 1.57 12.62 7.49
CA PRO B 41 2.75 11.86 7.91
C PRO B 41 3.08 12.11 9.37
N ALA B 42 3.77 11.15 9.96
CA ALA B 42 4.23 11.24 11.34
C ALA B 42 5.15 10.08 11.61
N LEU B 43 5.80 10.12 12.76
CA LEU B 43 6.67 9.05 13.22
C LEU B 43 6.00 8.29 14.35
N ALA B 44 6.11 6.97 14.34
CA ALA B 44 5.56 6.10 15.37
C ALA B 44 6.70 5.46 16.17
N VAL B 45 6.63 5.60 17.49
CA VAL B 45 7.59 4.97 18.38
C VAL B 45 7.02 3.60 18.75
N THR B 46 7.68 2.53 18.31
CA THR B 46 7.18 1.17 18.46
C THR B 46 8.05 0.31 19.35
N GLY B 47 9.11 0.88 19.92
CA GLY B 47 10.00 0.15 20.82
C GLY B 47 9.80 0.56 22.27
N HIS B 48 9.95 -0.40 23.17
CA HIS B 48 9.73 -0.14 24.59
C HIS B 48 10.80 0.78 25.16
N THR B 49 12.08 0.45 24.94
CA THR B 49 13.16 1.26 25.52
C THR B 49 13.17 2.67 24.95
N LEU B 50 12.95 2.81 23.64
CA LEU B 50 12.97 4.14 23.04
C LEU B 50 11.76 4.95 23.47
N ALA B 51 10.59 4.30 23.61
CA ALA B 51 9.41 5.00 24.13
C ALA B 51 9.67 5.59 25.51
N ARG B 52 10.25 4.80 26.41
CA ARG B 52 10.55 5.30 27.75
C ARG B 52 11.47 6.51 27.69
N GLN B 53 12.50 6.48 26.83
CA GLN B 53 13.41 7.60 26.71
C GLN B 53 12.69 8.85 26.22
N LEU B 54 11.87 8.72 25.17
CA LEU B 54 11.24 9.88 24.57
C LEU B 54 10.11 10.45 25.43
N LEU B 55 9.42 9.59 26.19
CA LEU B 55 8.35 10.07 27.08
C LEU B 55 8.87 10.90 28.26
N THR B 56 10.19 10.93 28.46
CA THR B 56 10.82 11.81 29.44
C THR B 56 11.76 12.84 28.78
N ASP B 57 11.71 12.99 27.46
CA ASP B 57 12.52 13.97 26.76
C ASP B 57 11.74 15.28 26.68
N THR B 58 12.25 16.32 27.32
CA THR B 58 11.53 17.59 27.38
C THR B 58 11.42 18.26 26.02
N ARG B 59 12.13 17.78 25.00
CA ARG B 59 12.07 18.36 23.67
C ARG B 59 10.86 17.91 22.87
N LEU B 60 9.99 17.09 23.46
CA LEU B 60 8.73 16.66 22.84
C LEU B 60 7.56 17.21 23.66
N VAL B 61 6.67 17.95 22.98
CA VAL B 61 5.59 18.66 23.64
C VAL B 61 4.26 18.27 23.00
N LYS B 62 3.20 18.40 23.79
CA LYS B 62 1.87 18.12 23.30
C LYS B 62 1.26 19.30 22.55
N ASP B 63 1.73 20.51 22.81
CA ASP B 63 1.15 21.71 22.20
C ASP B 63 1.16 21.65 20.67
N ILE B 64 -0.04 21.71 20.08
CA ILE B 64 -0.17 21.57 18.64
C ILE B 64 0.50 22.72 17.91
N ASN B 65 0.64 23.89 18.55
CA ASN B 65 1.29 25.01 17.89
C ASN B 65 2.75 24.75 17.60
N ALA B 66 3.32 23.65 18.10
CA ALA B 66 4.68 23.24 17.78
C ALA B 66 4.72 22.35 16.55
N TRP B 67 3.57 22.10 15.93
CA TRP B 67 3.47 21.16 14.82
C TRP B 67 3.71 21.90 13.52
N SER B 68 4.74 21.49 12.78
CA SER B 68 5.03 22.13 11.51
C SER B 68 3.82 22.14 10.59
N LEU B 69 3.06 21.04 10.60
CA LEU B 69 1.90 20.93 9.72
C LEU B 69 0.73 21.77 10.21
N TRP B 70 0.71 22.13 11.50
CA TRP B 70 -0.31 23.02 12.03
C TRP B 70 0.04 24.47 11.81
N GLN B 71 1.32 24.83 11.98
CA GLN B 71 1.80 26.18 11.66
C GLN B 71 1.57 26.51 10.19
N SER B 72 1.92 25.59 9.30
CA SER B 72 1.81 25.83 7.87
C SER B 72 0.38 25.81 7.34
N GLY B 73 -0.57 25.31 8.12
CA GLY B 73 -1.94 25.20 7.65
C GLY B 73 -2.22 23.98 6.80
N THR B 74 -1.30 23.03 6.76
CA THR B 74 -1.51 21.83 5.96
C THR B 74 -2.50 20.86 6.62
N VAL B 75 -2.60 20.90 7.95
CA VAL B 75 -3.60 20.13 8.69
C VAL B 75 -4.53 21.11 9.36
N THR B 76 -5.85 20.87 9.26
CA THR B 76 -6.84 21.76 9.85
C THR B 76 -7.84 20.97 10.66
N ARG B 77 -8.94 21.62 11.06
CA ARG B 77 -10.00 20.90 11.76
C ARG B 77 -10.75 19.92 10.86
N GLN B 78 -10.50 19.94 9.56
CA GLN B 78 -11.12 18.97 8.66
C GLN B 78 -10.47 17.60 8.75
N TRP B 79 -9.24 17.51 9.26
CA TRP B 79 -8.60 16.21 9.51
C TRP B 79 -9.45 15.38 10.48
N PRO B 80 -9.88 14.19 10.09
CA PRO B 80 -10.82 13.44 10.96
C PRO B 80 -10.29 13.17 12.35
N LEU B 81 -8.98 13.20 12.56
CA LEU B 81 -8.41 12.88 13.87
C LEU B 81 -8.08 14.11 14.71
N ILE B 82 -8.46 15.31 14.26
CA ILE B 82 -8.02 16.54 14.92
C ILE B 82 -8.57 16.67 16.33
N GLY B 83 -9.76 16.13 16.59
CA GLY B 83 -10.33 16.22 17.92
C GLY B 83 -9.54 15.46 19.00
N MET B 84 -8.57 14.66 18.60
CA MET B 84 -7.71 13.97 19.55
C MET B 84 -6.51 14.81 19.96
N ILE B 85 -6.26 15.93 19.28
CA ILE B 85 -5.03 16.69 19.47
C ILE B 85 -5.36 18.14 19.80
N ASP B 86 -6.11 18.81 18.92
CA ASP B 86 -6.48 20.21 19.10
C ASP B 86 -7.64 20.28 20.07
N VAL B 87 -7.30 20.24 21.36
CA VAL B 87 -8.25 20.26 22.46
C VAL B 87 -7.95 21.44 23.38
N ASP B 88 -8.88 21.69 24.30
CA ASP B 88 -8.75 22.79 25.26
C ASP B 88 -7.60 22.56 26.23
N ARG B 89 -7.20 23.64 26.90
CA ARG B 89 -6.07 23.57 27.83
C ARG B 89 -6.40 22.66 29.01
N SER B 90 -5.49 21.73 29.29
CA SER B 90 -5.65 20.78 30.39
C SER B 90 -4.30 20.13 30.63
N MET B 91 -4.26 19.21 31.59
CA MET B 91 -3.05 18.42 31.81
C MET B 91 -2.61 17.69 30.55
N PHE B 92 -3.53 17.46 29.61
CA PHE B 92 -3.24 16.71 28.39
C PHE B 92 -2.37 17.51 27.41
N THR B 93 -2.49 18.83 27.46
CA THR B 93 -1.88 19.68 26.45
C THR B 93 -0.69 20.46 26.97
N VAL B 94 -0.32 20.29 28.23
CA VAL B 94 0.65 21.15 28.92
C VAL B 94 1.87 20.32 29.29
N ASP B 95 3.01 21.02 29.36
CA ASP B 95 4.29 20.40 29.71
C ASP B 95 5.09 21.36 30.56
N GLY B 96 5.79 20.82 31.55
CA GLY B 96 6.65 21.60 32.40
C GLY B 96 6.04 21.94 33.75
N PRO B 97 6.56 23.00 34.39
CA PRO B 97 5.97 23.43 35.68
C PRO B 97 4.47 23.63 35.63
N GLU B 98 3.96 24.16 34.51
CA GLU B 98 2.53 24.30 34.34
C GLU B 98 1.83 22.96 34.52
N HIS B 99 2.50 21.87 34.14
CA HIS B 99 1.86 20.56 34.10
C HIS B 99 1.52 20.06 35.50
N ARG B 100 2.49 20.09 36.41
CA ARG B 100 2.25 19.63 37.77
C ARG B 100 1.07 20.37 38.38
N ARG B 101 0.95 21.66 38.08
N ARG B 101 0.94 21.66 38.07
CA ARG B 101 -0.15 22.45 38.61
CA ARG B 101 -0.15 22.45 38.62
C ARG B 101 -1.50 21.85 38.23
C ARG B 101 -1.50 21.85 38.23
N LEU B 102 -1.66 21.46 36.97
CA LEU B 102 -2.94 20.99 36.47
C LEU B 102 -3.20 19.52 36.77
N ARG B 103 -2.23 18.79 37.31
CA ARG B 103 -2.41 17.37 37.63
C ARG B 103 -2.62 17.07 39.10
N ILE B 104 -2.14 17.93 40.01
CA ILE B 104 -1.84 17.49 41.37
C ILE B 104 -3.12 17.07 42.09
N LYS B 105 -4.17 17.89 41.97
CA LYS B 105 -5.38 17.54 42.71
C LYS B 105 -6.02 16.28 42.17
N THR B 106 -5.90 16.02 40.86
CA THR B 106 -6.44 14.80 40.30
C THR B 106 -5.70 13.59 40.83
N THR B 107 -4.36 13.64 40.83
CA THR B 107 -3.56 12.54 41.32
C THR B 107 -3.74 12.31 42.81
N GLN B 108 -4.00 13.38 43.56
CA GLN B 108 -4.34 13.24 44.97
C GLN B 108 -5.68 12.52 45.14
N ALA B 109 -6.62 12.78 44.24
CA ALA B 109 -7.95 12.20 44.38
C ALA B 109 -8.03 10.74 43.94
N LEU B 110 -7.13 10.29 43.06
CA LEU B 110 -7.18 8.95 42.49
C LEU B 110 -6.11 8.04 43.06
N THR B 111 -5.65 8.29 44.28
CA THR B 111 -4.77 7.35 44.94
C THR B 111 -5.57 6.13 45.37
N ARG B 112 -4.87 5.01 45.57
CA ARG B 112 -5.54 3.77 45.95
C ARG B 112 -6.28 3.95 47.28
N ARG B 113 -5.66 4.64 48.24
CA ARG B 113 -6.31 4.83 49.54
C ARG B 113 -7.55 5.70 49.40
N ARG B 114 -7.49 6.75 48.57
CA ARG B 114 -8.65 7.59 48.37
C ARG B 114 -9.76 6.86 47.64
N LEU B 115 -9.43 5.92 46.76
CA LEU B 115 -10.43 5.20 46.01
C LEU B 115 -11.18 4.16 46.84
N ASP B 116 -10.69 3.82 48.03
CA ASP B 116 -11.46 2.93 48.89
C ASP B 116 -12.85 3.49 49.17
N ALA B 117 -12.97 4.83 49.22
CA ALA B 117 -14.29 5.43 49.45
C ALA B 117 -15.25 5.15 48.30
N LEU B 118 -14.73 5.01 47.08
CA LEU B 118 -15.54 4.76 45.89
C LEU B 118 -15.81 3.28 45.66
N LYS B 119 -15.20 2.39 46.45
CA LYS B 119 -15.26 0.96 46.21
C LYS B 119 -16.66 0.40 46.41
N PRO B 120 -17.38 0.81 47.47
CA PRO B 120 -18.78 0.32 47.60
C PRO B 120 -19.65 0.68 46.40
N THR B 121 -19.48 1.87 45.84
CA THR B 121 -20.26 2.28 44.68
C THR B 121 -19.98 1.38 43.49
N ILE B 122 -18.70 1.14 43.20
CA ILE B 122 -18.34 0.25 42.10
C ILE B 122 -18.97 -1.13 42.29
N GLU B 123 -18.81 -1.70 43.50
CA GLU B 123 -19.41 -3.00 43.78
C GLU B 123 -20.92 -3.00 43.59
N ARG B 124 -21.58 -1.88 43.89
CA ARG B 124 -23.01 -1.75 43.65
C ARG B 124 -23.32 -1.71 42.15
N TYR B 125 -22.57 -0.93 41.37
CA TYR B 125 -22.84 -0.86 39.93
C TYR B 125 -22.59 -2.22 39.27
N VAL B 126 -21.51 -2.90 39.63
CA VAL B 126 -21.22 -4.22 39.05
C VAL B 126 -22.37 -5.18 39.34
N ALA B 127 -22.87 -5.16 40.58
CA ALA B 127 -23.95 -6.08 40.95
C ALA B 127 -25.21 -5.78 40.16
N GLU B 128 -25.52 -4.50 39.96
CA GLU B 128 -26.71 -4.14 39.21
C GLU B 128 -26.62 -4.56 37.74
N LEU B 129 -25.44 -4.43 37.14
CA LEU B 129 -25.28 -4.78 35.73
C LEU B 129 -25.13 -6.28 35.51
N LEU B 130 -24.71 -7.04 36.53
CA LEU B 130 -24.84 -8.50 36.48
C LEU B 130 -26.28 -8.95 36.56
N ASP B 131 -27.11 -8.25 37.34
CA ASP B 131 -28.55 -8.50 37.33
C ASP B 131 -29.13 -8.30 35.94
N ASP B 132 -28.79 -7.17 35.29
CA ASP B 132 -29.22 -6.98 33.91
C ASP B 132 -28.74 -8.13 33.02
N LEU B 133 -27.49 -8.56 33.21
CA LEU B 133 -26.96 -9.68 32.42
C LEU B 133 -27.77 -10.95 32.68
N GLU B 134 -28.16 -11.16 33.93
CA GLU B 134 -28.97 -12.33 34.27
C GLU B 134 -30.32 -12.28 33.58
N ARG B 135 -31.00 -11.13 33.64
CA ARG B 135 -32.29 -11.00 32.98
C ARG B 135 -32.14 -11.15 31.46
N ALA B 136 -31.08 -10.56 30.89
CA ALA B 136 -30.95 -10.57 29.43
C ALA B 136 -30.71 -11.97 28.89
N GLY B 137 -30.00 -12.80 29.66
CA GLY B 137 -29.61 -14.12 29.22
C GLY B 137 -30.55 -15.21 29.66
N ALA B 138 -31.76 -14.83 30.07
CA ALA B 138 -32.74 -15.82 30.51
C ALA B 138 -33.09 -16.76 29.36
N ASP B 139 -33.41 -18.00 29.72
CA ASP B 139 -33.84 -19.02 28.75
C ASP B 139 -32.78 -19.24 27.68
N GLY B 140 -31.51 -19.14 28.07
CA GLY B 140 -30.43 -19.47 27.17
C GLY B 140 -30.23 -18.51 26.01
N ALA B 141 -30.72 -17.29 26.13
CA ALA B 141 -30.65 -16.37 25.01
C ALA B 141 -29.24 -15.80 24.88
N VAL B 142 -28.87 -15.43 23.64
CA VAL B 142 -27.58 -14.79 23.40
C VAL B 142 -27.67 -13.36 23.91
N VAL B 143 -26.58 -12.88 24.53
CA VAL B 143 -26.53 -11.57 25.17
C VAL B 143 -25.28 -10.84 24.71
N ASP B 144 -25.38 -9.53 24.50
CA ASP B 144 -24.24 -8.69 24.16
C ASP B 144 -23.59 -8.23 25.46
N LEU B 145 -22.48 -8.85 25.83
CA LEU B 145 -21.76 -8.46 27.05
C LEU B 145 -21.37 -6.98 27.06
N LYS B 146 -21.04 -6.41 25.90
CA LYS B 146 -20.67 -5.00 25.86
C LYS B 146 -21.85 -4.10 26.26
N SER B 147 -22.93 -4.16 25.48
CA SER B 147 -24.04 -3.24 25.71
C SER B 147 -24.66 -3.42 27.09
N VAL B 148 -24.72 -4.66 27.62
CA VAL B 148 -25.40 -4.87 28.89
C VAL B 148 -24.52 -4.67 30.12
N PHE B 149 -23.21 -4.85 29.99
CA PHE B 149 -22.33 -4.85 31.15
C PHE B 149 -21.11 -3.93 31.01
N ALA B 150 -20.26 -4.19 30.01
CA ALA B 150 -18.96 -3.51 29.99
C ALA B 150 -19.11 -2.05 29.58
N TYR B 151 -19.98 -1.77 28.58
CA TYR B 151 -20.09 -0.41 28.06
C TYR B 151 -20.64 0.56 29.10
N PRO B 152 -21.68 0.23 29.87
CA PRO B 152 -22.20 1.23 30.83
C PRO B 152 -21.37 1.39 32.10
N LEU B 153 -20.70 0.34 32.56
CA LEU B 153 -20.07 0.42 33.88
C LEU B 153 -19.08 1.56 33.99
N PRO B 154 -18.10 1.72 33.08
CA PRO B 154 -17.12 2.82 33.27
C PRO B 154 -17.75 4.19 33.25
N MET B 155 -18.78 4.43 32.45
CA MET B 155 -19.45 5.73 32.45
CA MET B 155 -19.43 5.73 32.45
C MET B 155 -20.08 6.01 33.81
N ARG B 156 -20.71 4.99 34.41
CA ARG B 156 -21.32 5.19 35.72
C ARG B 156 -20.27 5.49 36.78
N VAL B 157 -19.13 4.78 36.72
CA VAL B 157 -18.08 5.01 37.73
C VAL B 157 -17.48 6.41 37.57
N ILE B 158 -17.11 6.77 36.34
CA ILE B 158 -16.47 8.07 36.14
C ILE B 158 -17.46 9.19 36.39
N SER B 159 -18.73 9.00 36.01
CA SER B 159 -19.77 9.99 36.27
C SER B 159 -19.91 10.25 37.77
N ALA B 160 -19.94 9.18 38.57
CA ALA B 160 -20.05 9.34 40.02
C ALA B 160 -18.86 10.09 40.57
N LEU B 161 -17.67 9.84 40.02
CA LEU B 161 -16.46 10.51 40.53
C LEU B 161 -16.45 12.00 40.19
N MET B 162 -16.82 12.35 38.96
CA MET B 162 -16.76 13.74 38.50
C MET B 162 -18.03 14.53 38.81
N GLY B 163 -19.13 13.86 39.13
CA GLY B 163 -20.39 14.53 39.35
C GLY B 163 -21.27 14.72 38.13
N VAL B 164 -21.15 13.84 37.13
CA VAL B 164 -22.01 13.88 35.96
C VAL B 164 -23.37 13.31 36.34
N PRO B 165 -24.48 14.06 36.15
CA PRO B 165 -25.80 13.52 36.52
C PRO B 165 -26.07 12.18 35.85
N SER B 166 -26.84 11.34 36.55
CA SER B 166 -27.18 10.02 36.02
C SER B 166 -28.00 10.11 34.76
N GLU B 167 -28.86 11.13 34.65
CA GLU B 167 -29.78 11.23 33.54
C GLU B 167 -29.09 11.52 32.22
N ASP B 168 -27.87 12.06 32.25
CA ASP B 168 -27.19 12.51 31.05
C ASP B 168 -26.22 11.47 30.49
N GLN B 169 -26.13 10.29 31.11
CA GLN B 169 -25.07 9.37 30.75
C GLN B 169 -25.27 8.74 29.37
N GLU B 170 -26.52 8.55 28.94
CA GLU B 170 -26.73 7.94 27.64
C GLU B 170 -26.42 8.89 26.49
N GLN B 171 -26.68 10.19 26.67
CA GLN B 171 -26.33 11.19 25.65
C GLN B 171 -24.81 11.32 25.54
N LEU B 172 -24.10 11.29 26.66
CA LEU B 172 -22.65 11.30 26.61
C LEU B 172 -22.10 10.11 25.81
N LEU B 173 -22.57 8.90 26.11
CA LEU B 173 -22.13 7.73 25.38
C LEU B 173 -22.38 7.90 23.89
N THR B 174 -23.53 8.46 23.53
CA THR B 174 -23.85 8.69 22.13
C THR B 174 -22.84 9.62 21.49
N TRP B 175 -22.55 10.74 22.16
CA TRP B 175 -21.58 11.69 21.64
C TRP B 175 -20.22 11.05 21.44
N TYR B 176 -19.75 10.28 22.43
CA TYR B 176 -18.42 9.67 22.33
C TYR B 176 -18.34 8.67 21.20
N LYS B 177 -19.38 7.85 21.02
CA LYS B 177 -19.39 6.92 19.89
C LYS B 177 -19.21 7.69 18.57
N ALA B 178 -19.87 8.83 18.44
CA ALA B 178 -19.73 9.64 17.24
C ALA B 178 -18.36 10.30 17.18
N PHE B 179 -17.88 10.87 18.29
CA PHE B 179 -16.54 11.45 18.31
C PHE B 179 -15.46 10.47 17.85
N PHE B 180 -15.53 9.20 18.27
CA PHE B 180 -14.44 8.26 17.99
C PHE B 180 -14.54 7.59 16.61
N SER B 181 -15.76 7.34 16.13
CA SER B 181 -15.92 6.58 14.89
C SER B 181 -15.33 7.35 13.72
N ILE B 182 -14.61 6.66 12.85
CA ILE B 182 -14.06 7.34 11.67
C ILE B 182 -15.15 7.62 10.65
N LEU B 183 -16.22 6.84 10.66
CA LEU B 183 -17.29 7.04 9.68
C LEU B 183 -18.09 8.32 9.94
N THR B 184 -18.02 8.90 11.13
CA THR B 184 -18.78 10.11 11.41
C THR B 184 -18.38 11.20 10.41
N PRO B 185 -19.34 11.82 9.70
CA PRO B 185 -18.97 12.95 8.82
C PRO B 185 -18.29 14.05 9.62
N GLN B 186 -17.23 14.61 9.04
CA GLN B 186 -16.38 15.53 9.79
C GLN B 186 -17.19 16.71 10.33
N ASP B 187 -18.11 17.24 9.54
CA ASP B 187 -18.88 18.40 10.01
C ASP B 187 -19.73 18.03 11.22
N GLU B 188 -20.27 16.81 11.23
CA GLU B 188 -21.02 16.35 12.39
C GLU B 188 -20.10 16.11 13.59
N ARG B 189 -18.90 15.58 13.34
CA ARG B 189 -17.98 15.32 14.44
C ARG B 189 -17.60 16.62 15.13
N LEU B 190 -17.30 17.67 14.35
CA LEU B 190 -16.95 18.96 14.93
C LEU B 190 -18.13 19.57 15.69
N ARG B 191 -19.36 19.33 15.22
CA ARG B 191 -20.52 19.79 15.96
C ARG B 191 -20.68 19.03 17.27
N VAL B 192 -20.41 17.72 17.26
CA VAL B 192 -20.45 16.94 18.49
C VAL B 192 -19.38 17.42 19.46
N ILE B 193 -18.17 17.68 18.97
CA ILE B 193 -17.11 18.26 19.81
C ILE B 193 -17.57 19.58 20.44
N ASP B 194 -18.25 20.42 19.66
CA ASP B 194 -18.73 21.69 20.20
C ASP B 194 -19.86 21.48 21.19
N GLU B 195 -20.76 20.52 20.91
CA GLU B 195 -21.86 20.28 21.83
C GLU B 195 -21.36 19.73 23.17
N MET B 196 -20.41 18.79 23.14
CA MET B 196 -19.85 18.26 24.38
C MET B 196 -19.18 19.37 25.18
N HIS B 197 -18.35 20.19 24.51
CA HIS B 197 -17.72 21.30 25.20
C HIS B 197 -18.78 22.21 25.85
N GLY B 198 -19.91 22.41 25.18
CA GLY B 198 -20.98 23.20 25.78
C GLY B 198 -21.59 22.54 27.01
N TYR B 199 -21.76 21.22 26.97
CA TYR B 199 -22.30 20.50 28.12
C TYR B 199 -21.39 20.64 29.34
N PHE B 200 -20.11 20.29 29.20
CA PHE B 200 -19.19 20.34 30.34
C PHE B 200 -18.97 21.76 30.83
N THR B 201 -19.07 22.76 29.94
CA THR B 201 -18.98 24.15 30.37
C THR B 201 -20.15 24.52 31.29
N GLU B 202 -21.37 24.11 30.93
CA GLU B 202 -22.51 24.32 31.81
C GLU B 202 -22.37 23.53 33.11
N MET B 203 -21.86 22.30 33.03
CA MET B 203 -21.70 21.49 34.22
C MET B 203 -20.74 22.14 35.22
N VAL B 204 -19.61 22.65 34.71
CA VAL B 204 -18.67 23.35 35.58
C VAL B 204 -19.30 24.63 36.14
N ARG B 205 -20.06 25.35 35.32
CA ARG B 205 -20.77 26.52 35.82
C ARG B 205 -21.76 26.14 36.90
N ARG B 206 -22.55 25.08 36.67
CA ARG B 206 -23.47 24.60 37.69
C ARG B 206 -22.73 24.16 38.95
N LYS B 207 -21.62 23.43 38.80
CA LYS B 207 -20.88 22.97 39.97
C LYS B 207 -20.28 24.14 40.74
N THR B 208 -19.95 25.25 40.06
CA THR B 208 -19.48 26.44 40.77
C THR B 208 -20.55 26.99 41.71
N ALA B 209 -21.81 27.02 41.25
CA ALA B 209 -22.89 27.53 42.08
C ALA B 209 -23.30 26.52 43.14
N GLU B 210 -23.28 25.23 42.79
CA GLU B 210 -23.83 24.16 43.63
C GLU B 210 -22.79 23.05 43.73
N PRO B 211 -21.66 23.32 44.39
CA PRO B 211 -20.60 22.29 44.50
C PRO B 211 -21.08 21.07 45.27
N GLY B 212 -20.43 19.92 45.03
CA GLY B 212 -20.77 18.68 45.69
C GLY B 212 -19.53 17.91 46.05
N ASP B 213 -19.76 16.71 46.57
CA ASP B 213 -18.67 15.82 46.94
C ASP B 213 -18.25 15.03 45.70
N ASP B 214 -17.49 15.71 44.85
CA ASP B 214 -17.02 15.15 43.59
C ASP B 214 -15.74 15.86 43.16
N LEU B 215 -15.01 15.22 42.25
CA LEU B 215 -13.71 15.75 41.85
C LEU B 215 -13.85 17.06 41.08
N THR B 216 -14.93 17.23 40.31
CA THR B 216 -15.09 18.47 39.56
C THR B 216 -15.16 19.66 40.52
N SER B 217 -15.97 19.53 41.58
CA SER B 217 -16.05 20.59 42.58
C SER B 217 -14.71 20.83 43.26
N ALA B 218 -13.92 19.78 43.46
CA ALA B 218 -12.61 19.94 44.07
C ALA B 218 -11.67 20.74 43.17
N LEU B 219 -11.72 20.50 41.86
CA LEU B 219 -10.89 21.27 40.93
C LEU B 219 -11.26 22.74 40.98
N ILE B 220 -12.56 23.04 41.08
CA ILE B 220 -13.01 24.44 41.10
C ILE B 220 -12.52 25.13 42.37
N TYR B 221 -12.60 24.46 43.51
CA TYR B 221 -12.25 25.07 44.78
C TYR B 221 -11.00 24.44 45.40
N GLU B 226 -2.97 26.15 45.54
CA GLU B 226 -2.12 27.23 45.05
C GLU B 226 -2.97 28.20 44.23
N THR B 227 -2.42 28.71 43.12
CA THR B 227 -3.20 29.54 42.22
C THR B 227 -4.39 28.75 41.68
N PRO B 228 -5.61 29.28 41.77
CA PRO B 228 -6.77 28.49 41.33
C PRO B 228 -6.79 28.28 39.83
N LEU B 229 -7.37 27.16 39.41
CA LEU B 229 -7.45 26.85 37.99
C LEU B 229 -8.47 27.74 37.30
N THR B 230 -8.13 28.22 36.12
CA THR B 230 -9.07 28.94 35.29
C THR B 230 -10.22 28.03 34.92
N GLU B 231 -11.32 28.62 34.46
CA GLU B 231 -12.46 27.78 34.07
C GLU B 231 -12.13 26.93 32.84
N GLU B 232 -11.30 27.43 31.94
CA GLU B 232 -10.90 26.62 30.79
C GLU B 232 -10.16 25.38 31.26
N GLU B 233 -9.25 25.55 32.23
CA GLU B 233 -8.45 24.42 32.73
C GLU B 233 -9.32 23.39 33.43
N VAL B 234 -10.30 23.83 34.21
CA VAL B 234 -11.20 22.90 34.88
C VAL B 234 -11.98 22.09 33.85
N ILE B 235 -12.63 22.79 32.90
CA ILE B 235 -13.37 22.10 31.85
C ILE B 235 -12.44 21.17 31.06
N GLY B 236 -11.23 21.63 30.79
CA GLY B 236 -10.31 20.80 30.04
C GLY B 236 -9.99 19.50 30.76
N ASN B 237 -9.65 19.61 32.05
CA ASN B 237 -9.35 18.43 32.86
C ASN B 237 -10.57 17.52 32.96
N LEU B 238 -11.75 18.10 33.20
CA LEU B 238 -12.97 17.29 33.27
C LEU B 238 -13.20 16.51 31.97
N GLN B 239 -13.07 17.18 30.83
CA GLN B 239 -13.27 16.49 29.56
C GLN B 239 -12.29 15.33 29.38
N ALA B 240 -11.01 15.53 29.73
CA ALA B 240 -10.03 14.46 29.60
C ALA B 240 -10.36 13.28 30.50
N LEU B 241 -10.81 13.57 31.73
CA LEU B 241 -11.03 12.51 32.70
C LEU B 241 -12.25 11.67 32.34
N VAL B 242 -13.32 12.31 31.86
CA VAL B 242 -14.52 11.56 31.46
C VAL B 242 -14.24 10.76 30.19
N ALA B 243 -13.60 11.39 29.20
CA ALA B 243 -13.35 10.69 27.94
C ALA B 243 -12.40 9.50 28.15
N ALA B 244 -11.25 9.77 28.75
CA ALA B 244 -10.33 8.69 29.09
C ALA B 244 -10.98 7.66 29.98
N GLY B 245 -11.62 8.12 31.07
CA GLY B 245 -12.11 7.19 32.08
C GLY B 245 -13.12 6.20 31.55
N HIS B 246 -13.92 6.60 30.57
CA HIS B 246 -14.89 5.69 29.99
C HIS B 246 -14.32 4.82 28.87
N GLU B 247 -13.69 5.45 27.86
CA GLU B 247 -13.30 4.75 26.64
C GLU B 247 -12.34 3.60 26.93
N THR B 248 -11.32 3.83 27.76
CA THR B 248 -10.28 2.83 27.94
C THR B 248 -10.79 1.64 28.72
N THR B 249 -11.52 1.90 29.80
CA THR B 249 -11.94 0.85 30.73
C THR B 249 -12.90 -0.11 30.06
N VAL B 250 -13.78 0.38 29.18
CA VAL B 250 -14.66 -0.54 28.45
C VAL B 250 -13.83 -1.57 27.67
N SER B 251 -12.80 -1.07 26.97
CA SER B 251 -11.96 -1.95 26.17
C SER B 251 -11.23 -2.93 27.07
N LEU B 252 -10.72 -2.46 28.22
CA LEU B 252 -9.98 -3.36 29.09
C LEU B 252 -10.86 -4.51 29.59
N ILE B 253 -12.10 -4.21 29.94
CA ILE B 253 -13.00 -5.26 30.43
C ILE B 253 -13.26 -6.28 29.33
N LEU B 254 -13.62 -5.80 28.14
CA LEU B 254 -13.96 -6.72 27.07
C LEU B 254 -12.78 -7.59 26.63
N THR B 255 -11.59 -6.99 26.46
CA THR B 255 -10.43 -7.77 26.01
C THR B 255 -9.98 -8.76 27.07
N ALA B 256 -10.11 -8.43 28.36
CA ALA B 256 -9.73 -9.39 29.39
C ALA B 256 -10.65 -10.60 29.35
N VAL B 257 -11.97 -10.36 29.26
CA VAL B 257 -12.93 -11.46 29.15
C VAL B 257 -12.65 -12.28 27.90
N ARG B 258 -12.33 -11.61 26.79
CA ARG B 258 -12.01 -12.35 25.58
C ARG B 258 -10.75 -13.19 25.77
N ALA B 259 -9.69 -12.61 26.34
CA ALA B 259 -8.47 -13.37 26.52
C ALA B 259 -8.68 -14.59 27.41
N LEU B 260 -9.44 -14.41 28.49
CA LEU B 260 -9.62 -15.50 29.44
C LEU B 260 -10.52 -16.58 28.89
N LEU B 261 -11.58 -16.21 28.17
CA LEU B 261 -12.43 -17.22 27.55
C LEU B 261 -11.71 -18.00 26.45
N SER B 262 -10.80 -17.34 25.74
CA SER B 262 -10.04 -18.01 24.69
C SER B 262 -8.88 -18.83 25.25
N HIS B 263 -8.51 -18.64 26.53
CA HIS B 263 -7.46 -19.42 27.18
C HIS B 263 -8.04 -20.00 28.48
N PRO B 264 -8.89 -21.02 28.36
CA PRO B 264 -9.59 -21.54 29.56
C PRO B 264 -8.66 -21.98 30.67
N GLU B 265 -7.45 -22.46 30.36
CA GLU B 265 -6.56 -22.95 31.40
C GLU B 265 -6.10 -21.79 32.29
N GLN B 266 -5.96 -20.59 31.70
CA GLN B 266 -5.54 -19.43 32.45
C GLN B 266 -6.69 -18.80 33.20
N LEU B 267 -7.92 -18.90 32.68
CA LEU B 267 -9.09 -18.53 33.47
C LEU B 267 -9.17 -19.38 34.74
N ARG B 268 -8.82 -20.65 34.67
CA ARG B 268 -8.86 -21.48 35.87
C ARG B 268 -7.80 -21.06 36.87
N LEU B 269 -6.61 -20.66 36.40
CA LEU B 269 -5.54 -20.24 37.30
C LEU B 269 -5.98 -19.09 38.21
N VAL B 270 -6.70 -18.11 37.68
CA VAL B 270 -7.13 -17.00 38.52
C VAL B 270 -8.32 -17.41 39.39
N ARG B 271 -9.22 -18.22 38.85
CA ARG B 271 -10.40 -18.59 39.63
C ARG B 271 -10.05 -19.51 40.79
N ASP B 272 -8.99 -20.30 40.67
CA ASP B 272 -8.53 -21.15 41.76
C ASP B 272 -7.48 -20.48 42.63
N GLY B 273 -7.13 -19.22 42.35
CA GLY B 273 -6.24 -18.46 43.19
C GLY B 273 -4.77 -18.71 43.01
N GLU B 274 -4.36 -19.36 41.91
CA GLU B 274 -2.94 -19.60 41.67
C GLU B 274 -2.28 -18.39 41.03
N ILE B 275 -3.03 -17.59 40.28
CA ILE B 275 -2.58 -16.32 39.75
C ILE B 275 -3.60 -15.27 40.16
N GLY B 276 -3.12 -14.06 40.42
CA GLY B 276 -4.04 -12.99 40.82
C GLY B 276 -4.83 -12.45 39.62
N TRP B 277 -6.10 -12.13 39.88
CA TRP B 277 -6.87 -11.40 38.88
C TRP B 277 -6.13 -10.15 38.44
N GLU B 278 -5.43 -9.50 39.38
CA GLU B 278 -4.68 -8.30 39.03
C GLU B 278 -3.59 -8.59 38.00
N THR B 279 -2.94 -9.75 38.12
CA THR B 279 -1.92 -10.13 37.15
C THR B 279 -2.53 -10.43 35.78
N ALA B 280 -3.68 -11.10 35.76
CA ALA B 280 -4.39 -11.30 34.50
C ALA B 280 -4.71 -9.97 33.82
N ILE B 281 -5.10 -8.96 34.62
CA ILE B 281 -5.40 -7.65 34.07
C ILE B 281 -4.15 -7.01 33.50
N GLU B 282 -3.01 -7.15 34.17
CA GLU B 282 -1.79 -6.54 33.64
C GLU B 282 -1.38 -7.18 32.32
N GLU B 283 -1.45 -8.51 32.22
CA GLU B 283 -1.08 -9.17 30.96
C GLU B 283 -2.05 -8.78 29.84
N THR B 284 -3.30 -8.49 30.19
CA THR B 284 -4.23 -8.00 29.17
C THR B 284 -3.81 -6.63 28.66
N LEU B 285 -3.38 -5.75 29.58
CA LEU B 285 -2.93 -4.42 29.19
C LEU B 285 -1.70 -4.49 28.28
N ARG B 286 -0.76 -5.40 28.59
CA ARG B 286 0.42 -5.52 27.76
C ARG B 286 0.08 -6.03 26.37
N TRP B 287 -0.85 -7.00 26.29
CA TRP B 287 -1.08 -7.80 25.09
C TRP B 287 -2.20 -7.27 24.21
N ASP B 288 -3.22 -6.64 24.79
CA ASP B 288 -4.43 -6.31 24.06
C ASP B 288 -5.10 -5.11 24.73
N GLY B 289 -4.31 -4.06 24.98
CA GLY B 289 -4.73 -2.93 25.77
C GLY B 289 -5.62 -1.98 25.00
N PRO B 290 -6.14 -0.99 25.73
CA PRO B 290 -7.10 -0.06 25.11
C PRO B 290 -6.49 0.88 24.08
N VAL B 291 -5.28 1.37 24.30
CA VAL B 291 -4.67 2.34 23.40
C VAL B 291 -3.85 1.64 22.30
N ILE B 292 -4.12 2.01 21.05
CA ILE B 292 -3.34 1.47 19.95
C ILE B 292 -2.25 2.46 19.60
N HIS B 293 -2.64 3.71 19.30
CA HIS B 293 -1.75 4.81 18.99
C HIS B 293 -2.15 6.01 19.84
N LEU B 294 -1.15 6.73 20.35
CA LEU B 294 -1.40 7.93 21.15
C LEU B 294 -0.89 9.16 20.44
N LEU B 295 -1.82 10.01 19.98
CA LEU B 295 -1.53 11.27 19.30
C LEU B 295 -1.55 12.39 20.33
N MET B 296 -0.50 13.22 20.33
CA MET B 296 0.65 13.20 19.41
C MET B 296 1.67 14.16 20.06
N ARG B 297 2.96 13.95 19.81
CA ARG B 297 4.00 14.80 20.37
C ARG B 297 4.81 15.44 19.24
N PHE B 298 5.44 16.58 19.57
CA PHE B 298 6.08 17.41 18.56
C PHE B 298 7.42 17.87 19.08
N ALA B 299 8.42 17.86 18.20
CA ALA B 299 9.78 18.25 18.57
C ALA B 299 9.98 19.77 18.52
N THR B 300 10.46 20.33 19.63
CA THR B 300 10.78 21.75 19.69
C THR B 300 12.10 22.07 19.01
N GLU B 301 13.00 21.11 18.89
CA GLU B 301 14.27 21.27 18.19
C GLU B 301 14.66 19.89 17.68
N ASP B 302 15.70 19.86 16.85
CA ASP B 302 16.19 18.60 16.28
C ASP B 302 16.63 17.66 17.39
N ILE B 303 16.06 16.47 17.40
CA ILE B 303 16.36 15.46 18.41
C ILE B 303 17.15 14.36 17.72
N ASP B 304 18.43 14.26 18.04
CA ASP B 304 19.31 13.25 17.45
C ASP B 304 19.39 12.03 18.35
N LEU B 305 19.09 10.87 17.78
CA LEU B 305 19.08 9.61 18.53
C LEU B 305 20.27 8.72 18.18
N GLY B 306 21.34 9.30 17.67
CA GLY B 306 22.50 8.53 17.26
C GLY B 306 22.52 8.21 15.78
N ASP B 307 21.70 7.24 15.36
CA ASP B 307 21.58 6.88 13.95
C ASP B 307 20.28 7.36 13.33
N ALA B 308 19.55 8.26 13.99
CA ALA B 308 18.30 8.80 13.50
C ALA B 308 18.08 10.16 14.12
N VAL B 309 17.31 10.99 13.42
CA VAL B 309 17.01 12.36 13.86
C VAL B 309 15.51 12.62 13.68
N ILE B 310 14.89 13.20 14.70
CA ILE B 310 13.50 13.64 14.61
C ILE B 310 13.52 15.13 14.29
N PRO B 311 13.14 15.56 13.08
CA PRO B 311 13.21 16.97 12.76
C PRO B 311 12.35 17.83 13.69
N ARG B 312 12.83 19.05 13.93
CA ARG B 312 12.03 20.06 14.62
C ARG B 312 10.69 20.24 13.92
N GLY B 313 9.61 20.22 14.70
CA GLY B 313 8.28 20.38 14.16
C GLY B 313 7.60 19.12 13.70
N GLU B 314 8.24 17.96 13.79
CA GLU B 314 7.66 16.71 13.32
C GLU B 314 6.75 16.11 14.37
N GLY B 315 5.77 15.34 13.92
CA GLY B 315 4.84 14.68 14.83
C GLY B 315 5.26 13.25 15.16
N VAL B 316 5.13 12.89 16.42
CA VAL B 316 5.64 11.65 16.97
C VAL B 316 4.49 10.97 17.70
N VAL B 317 4.17 9.74 17.27
CA VAL B 317 3.09 8.95 17.85
C VAL B 317 3.69 7.81 18.66
N MET B 318 3.05 7.49 19.79
CA MET B 318 3.44 6.36 20.62
C MET B 318 2.52 5.17 20.29
N SER B 319 3.05 4.16 19.61
CA SER B 319 2.27 2.97 19.23
C SER B 319 2.32 1.97 20.39
N TYR B 320 1.49 2.25 21.39
CA TYR B 320 1.53 1.49 22.64
C TYR B 320 1.20 0.02 22.45
N ARG B 321 0.36 -0.33 21.47
CA ARG B 321 0.04 -1.73 21.23
C ARG B 321 1.26 -2.46 20.67
N ALA B 322 1.93 -1.86 19.68
CA ALA B 322 3.20 -2.41 19.21
C ALA B 322 4.21 -2.50 20.36
N ILE B 323 4.22 -1.50 21.25
CA ILE B 323 5.20 -1.49 22.34
C ILE B 323 4.95 -2.66 23.27
N GLY B 324 3.68 -2.99 23.48
CA GLY B 324 3.38 -4.13 24.34
C GLY B 324 3.83 -5.48 23.78
N ARG B 325 4.01 -5.56 22.46
CA ARG B 325 4.51 -6.76 21.81
C ARG B 325 6.03 -6.74 21.59
N ASP B 326 6.75 -5.96 22.39
CA ASP B 326 8.19 -5.84 22.23
C ASP B 326 8.86 -7.15 22.63
N ILE B 327 9.56 -7.76 21.67
CA ILE B 327 10.17 -9.06 21.90
C ILE B 327 11.46 -8.92 22.69
N THR B 328 12.16 -7.80 22.55
CA THR B 328 13.34 -7.56 23.36
C THR B 328 13.02 -7.57 24.84
N VAL B 329 11.84 -7.09 25.22
CA VAL B 329 11.48 -7.01 26.64
C VAL B 329 10.75 -8.27 27.11
N HIS B 330 9.83 -8.81 26.31
CA HIS B 330 8.96 -9.89 26.75
C HIS B 330 9.32 -11.25 26.20
N GLY B 331 10.27 -11.35 25.28
CA GLY B 331 10.71 -12.64 24.76
C GLY B 331 10.00 -13.00 23.47
N ALA B 332 10.40 -14.14 22.94
CA ALA B 332 9.95 -14.58 21.63
C ALA B 332 8.46 -14.81 21.57
N ASP B 333 7.82 -15.09 22.71
CA ASP B 333 6.38 -15.33 22.77
C ASP B 333 5.59 -14.08 23.12
N ALA B 334 6.09 -12.89 22.74
CA ALA B 334 5.42 -11.64 23.11
C ALA B 334 4.02 -11.57 22.53
N ASP B 335 3.80 -12.18 21.37
CA ASP B 335 2.48 -12.14 20.76
C ASP B 335 1.46 -13.08 21.40
N ASP B 336 1.83 -13.79 22.46
CA ASP B 336 0.94 -14.73 23.13
C ASP B 336 0.41 -14.12 24.43
N PHE B 337 -0.80 -14.52 24.80
CA PHE B 337 -1.38 -14.17 26.08
C PHE B 337 -0.96 -15.21 27.12
N ASP B 338 -0.20 -14.77 28.15
CA ASP B 338 0.32 -15.70 29.14
C ASP B 338 0.44 -14.94 30.48
N ILE B 339 -0.59 -15.09 31.32
CA ILE B 339 -0.59 -14.37 32.59
C ILE B 339 0.48 -14.88 33.56
N THR B 340 1.19 -15.94 33.23
CA THR B 340 2.27 -16.44 34.06
C THR B 340 3.64 -15.88 33.67
N ARG B 341 3.74 -15.11 32.59
CA ARG B 341 5.04 -14.59 32.16
C ARG B 341 5.58 -13.63 33.22
N ALA B 342 6.90 -13.56 33.28
CA ALA B 342 7.56 -12.76 34.32
C ALA B 342 7.47 -11.27 34.05
N THR B 343 7.23 -10.85 32.81
CA THR B 343 7.20 -9.44 32.44
C THR B 343 5.77 -8.93 32.23
N ALA B 344 4.79 -9.54 32.89
CA ALA B 344 3.40 -9.16 32.66
C ALA B 344 3.15 -7.73 33.10
N ALA B 345 3.75 -7.31 34.20
CA ALA B 345 3.53 -5.98 34.76
C ALA B 345 4.61 -4.99 34.38
N ARG B 346 5.49 -5.31 33.44
CA ARG B 346 6.55 -4.42 33.02
C ARG B 346 6.20 -3.65 31.75
N HIS B 347 4.92 -3.52 31.43
CA HIS B 347 4.47 -2.76 30.27
C HIS B 347 4.39 -1.27 30.59
N ILE B 348 4.20 -0.46 29.55
CA ILE B 348 3.98 0.98 29.72
C ILE B 348 2.68 1.33 29.01
N SER B 349 1.67 0.49 29.20
CA SER B 349 0.39 0.71 28.54
C SER B 349 -0.36 1.89 29.12
N PHE B 350 -0.02 2.33 30.34
CA PHE B 350 -0.58 3.54 30.94
C PHE B 350 0.29 4.76 30.66
N GLY B 351 1.38 4.59 29.92
CA GLY B 351 2.29 5.70 29.68
C GLY B 351 3.53 5.68 30.56
N HIS B 352 4.29 6.77 30.44
CA HIS B 352 5.54 6.91 31.16
C HIS B 352 5.94 8.37 31.15
N GLY B 353 6.56 8.81 32.24
CA GLY B 353 6.96 10.19 32.37
C GLY B 353 5.87 11.08 32.96
N PRO B 354 5.94 12.39 32.70
CA PRO B 354 4.97 13.29 33.35
C PRO B 354 3.53 13.00 32.97
N HIS B 355 3.27 12.70 31.70
CA HIS B 355 1.89 12.51 31.26
C HIS B 355 1.35 11.10 31.54
N ILE B 356 2.02 10.33 32.41
CA ILE B 356 1.55 8.98 32.74
C ILE B 356 0.09 9.04 33.25
N CYS B 357 -0.65 8.01 32.91
CA CYS B 357 -2.06 8.02 33.20
C CYS B 357 -2.32 8.25 34.70
N PRO B 358 -3.14 9.26 35.07
CA PRO B 358 -3.45 9.45 36.49
C PRO B 358 -4.55 8.53 37.00
N GLY B 359 -5.31 7.92 36.10
CA GLY B 359 -6.41 7.08 36.52
C GLY B 359 -6.14 5.60 36.57
N ALA B 360 -4.87 5.16 36.45
CA ALA B 360 -4.56 3.74 36.34
C ALA B 360 -5.09 2.97 37.56
N ALA B 361 -5.00 3.56 38.76
CA ALA B 361 -5.49 2.86 39.94
C ALA B 361 -7.01 2.62 39.86
N LEU B 362 -7.73 3.58 39.31
CA LEU B 362 -9.17 3.42 39.16
C LEU B 362 -9.50 2.35 38.13
N ALA B 363 -8.81 2.40 36.99
CA ALA B 363 -9.03 1.41 35.94
C ALA B 363 -8.74 0.01 36.44
N ARG B 364 -7.66 -0.15 37.18
CA ARG B 364 -7.30 -1.47 37.71
C ARG B 364 -8.33 -1.92 38.73
N LEU B 365 -8.85 -0.99 39.54
CA LEU B 365 -9.85 -1.33 40.57
C LEU B 365 -11.17 -1.76 39.93
N GLU B 366 -11.66 -0.99 38.96
CA GLU B 366 -12.87 -1.37 38.26
C GLU B 366 -12.74 -2.77 37.66
N ALA B 367 -11.61 -3.07 37.00
CA ALA B 367 -11.43 -4.40 36.39
C ALA B 367 -11.29 -5.49 37.45
N ALA B 368 -10.58 -5.19 38.55
CA ALA B 368 -10.39 -6.20 39.60
C ALA B 368 -11.69 -6.51 40.34
N ILE B 369 -12.67 -5.61 40.31
CA ILE B 369 -13.97 -5.90 40.89
C ILE B 369 -14.88 -6.58 39.87
N ALA B 370 -14.91 -6.08 38.63
CA ALA B 370 -15.88 -6.56 37.66
C ALA B 370 -15.58 -7.97 37.17
N LEU B 371 -14.31 -8.27 36.89
CA LEU B 371 -13.98 -9.55 36.26
C LEU B 371 -14.28 -10.73 37.19
N PRO B 372 -13.73 -10.79 38.39
CA PRO B 372 -14.06 -11.93 39.27
C PRO B 372 -15.56 -12.02 39.56
N ALA B 373 -16.24 -10.88 39.69
CA ALA B 373 -17.67 -10.91 39.96
C ALA B 373 -18.44 -11.50 38.78
N LEU B 374 -18.02 -11.16 37.56
CA LEU B 374 -18.70 -11.71 36.38
C LEU B 374 -18.56 -13.23 36.32
N PHE B 375 -17.35 -13.74 36.55
CA PHE B 375 -17.10 -15.16 36.39
C PHE B 375 -17.59 -15.97 37.60
N THR B 376 -17.64 -15.35 38.77
CA THR B 376 -18.27 -16.00 39.92
C THR B 376 -19.79 -16.11 39.73
N ARG B 377 -20.42 -15.05 39.20
CA ARG B 377 -21.85 -15.07 39.01
C ARG B 377 -22.24 -16.06 37.92
N PHE B 378 -21.49 -16.08 36.81
CA PHE B 378 -21.79 -16.90 35.64
C PHE B 378 -20.57 -17.78 35.36
N PRO B 379 -20.37 -18.83 36.15
CA PRO B 379 -19.14 -19.63 36.00
C PRO B 379 -19.03 -20.36 34.67
N HIS B 380 -20.13 -20.57 33.95
CA HIS B 380 -20.09 -21.27 32.67
C HIS B 380 -20.34 -20.31 31.51
N LEU B 381 -20.10 -19.01 31.73
CA LEU B 381 -20.15 -18.02 30.65
C LEU B 381 -19.20 -18.41 29.51
N HIS B 382 -19.71 -18.41 28.28
CA HIS B 382 -18.94 -18.81 27.12
C HIS B 382 -19.44 -18.04 25.91
N PRO B 383 -18.66 -17.99 24.83
CA PRO B 383 -19.08 -17.23 23.64
C PRO B 383 -20.16 -17.93 22.85
N ALA B 384 -21.06 -17.13 22.28
CA ALA B 384 -22.05 -17.60 21.33
C ALA B 384 -21.61 -17.35 19.89
N LEU B 385 -20.45 -16.71 19.71
CA LEU B 385 -19.85 -16.41 18.42
C LEU B 385 -18.35 -16.65 18.58
N PRO B 386 -17.70 -17.27 17.59
CA PRO B 386 -16.23 -17.44 17.66
C PRO B 386 -15.54 -16.13 18.02
N LEU B 387 -14.75 -16.15 19.11
CA LEU B 387 -14.20 -14.91 19.64
C LEU B 387 -13.40 -14.14 18.59
N ASP B 388 -12.73 -14.87 17.68
CA ASP B 388 -11.92 -14.21 16.66
C ASP B 388 -12.77 -13.50 15.62
N GLN B 389 -14.09 -13.72 15.61
CA GLN B 389 -14.97 -13.02 14.68
C GLN B 389 -15.54 -11.73 15.23
N ILE B 390 -15.31 -11.41 16.50
CA ILE B 390 -15.70 -10.12 17.06
C ILE B 390 -14.84 -9.04 16.41
N PRO B 391 -15.41 -8.14 15.61
CA PRO B 391 -14.60 -7.13 14.93
C PRO B 391 -14.38 -5.88 15.77
N ASN B 392 -13.31 -5.17 15.43
CA ASN B 392 -13.08 -3.85 16.01
C ASN B 392 -13.98 -2.83 15.32
N LEU B 393 -14.51 -1.88 16.08
CA LEU B 393 -15.13 -0.71 15.48
C LEU B 393 -14.08 0.08 14.70
N PRO B 394 -14.51 0.86 13.67
CA PRO B 394 -13.57 1.69 12.92
C PRO B 394 -13.07 2.90 13.70
N VAL B 395 -12.21 2.66 14.69
CA VAL B 395 -11.59 3.71 15.48
C VAL B 395 -10.09 3.45 15.44
N LEU B 396 -9.35 4.35 14.80
CA LEU B 396 -7.95 4.05 14.44
C LEU B 396 -7.04 3.92 15.67
N THR B 397 -7.28 4.74 16.70
CA THR B 397 -6.33 4.89 17.80
C THR B 397 -6.69 4.08 19.03
N GLN B 398 -7.95 3.60 19.14
CA GLN B 398 -8.42 2.89 20.31
C GLN B 398 -8.78 1.46 19.94
N ASN B 399 -8.59 0.55 20.91
CA ASN B 399 -8.95 -0.86 20.76
C ASN B 399 -10.42 -1.06 21.13
N ASP B 400 -11.29 -0.69 20.20
CA ASP B 400 -12.73 -0.64 20.46
C ASP B 400 -13.38 -1.86 19.83
N LEU B 401 -13.98 -2.70 20.67
CA LEU B 401 -14.67 -3.89 20.20
C LEU B 401 -16.14 -3.57 19.92
N SER B 402 -16.69 -4.24 18.91
CA SER B 402 -18.01 -3.87 18.41
C SER B 402 -19.14 -4.47 19.26
N HIS B 403 -19.12 -5.79 19.43
CA HIS B 403 -20.18 -6.51 20.12
C HIS B 403 -19.61 -7.84 20.56
N PHE B 404 -20.12 -8.35 21.68
CA PHE B 404 -19.53 -9.48 22.39
C PHE B 404 -20.66 -10.45 22.73
N PRO B 405 -21.10 -11.26 21.76
CA PRO B 405 -22.22 -12.19 22.01
C PRO B 405 -21.78 -13.34 22.90
N ILE B 406 -22.55 -13.58 23.97
CA ILE B 406 -22.24 -14.64 24.92
C ILE B 406 -23.52 -15.33 25.34
N HIS B 407 -23.37 -16.57 25.83
CA HIS B 407 -24.39 -17.28 26.59
C HIS B 407 -23.96 -17.35 28.04
N LEU B 408 -24.92 -17.23 28.96
CA LEU B 408 -24.60 -17.31 30.38
C LEU B 408 -24.25 -18.74 30.82
N GLY B 409 -24.78 -19.75 30.14
CA GLY B 409 -24.49 -21.14 30.45
C GLY B 409 -25.28 -21.66 31.65
#